data_7DEJ
#
_entry.id   7DEJ
#
_cell.length_a   95.912
_cell.length_b   95.912
_cell.length_c   188.897
_cell.angle_alpha   90.000
_cell.angle_beta   90.000
_cell.angle_gamma   120.000
#
_symmetry.space_group_name_H-M   'P 31 2 1'
#
loop_
_entity.id
_entity.type
_entity.pdbx_description
1 polymer 'Oxysterol-binding protein-related protein 3'
2 water water
#
_entity_poly.entity_id   1
_entity_poly.type   'polypeptide(L)'
_entity_poly.pdbx_seq_one_letter_code
;GSPEFSGREAKSRRRTSLPAPSPSSSNISLWNILRNNIGKDLSKVAMPVELNEPLNTLQRLCEELEYSELLDKAAQIPSP
LERMVYVAAFAISAYASSYYRAGSKPFNPVLGETYECIREDKGFQFFSEQVSHHPPISACHAESRNFVFWQDVRWKNKFW
GKSMEIVPIGTTHVTLPVFGDHFEWNKVTSCIHNILSGQRWIEHYGEIVIKNLHDDSCYCKVNFIKAKYWSTNAHEIEGT
VFDRSGKAVHRLFGKWHESIYCGGGSSSACVWRANPMPKGYEQYYSFTQFALELNEMDPSSKSLLPPTDTRFRPDQRFLE
EGNLEEAEIQKQRIEQLQRERRRVLEENHVEHQPRFFRKSDGSWVSNGTYLELRKDLGFSKLDHPVLW
;
_entity_poly.pdbx_strand_id   A,B
#
# COMPACT_ATOMS: atom_id res chain seq x y z
N ARG A 14 6.47 1.17 23.94
CA ARG A 14 5.48 0.13 23.66
C ARG A 14 6.05 -0.89 22.66
N ARG A 15 5.57 -2.13 22.72
CA ARG A 15 6.24 -3.26 22.08
C ARG A 15 5.75 -3.44 20.66
N THR A 16 6.67 -3.32 19.71
CA THR A 16 6.37 -3.50 18.29
C THR A 16 6.54 -4.95 17.84
N SER A 17 6.70 -5.88 18.78
CA SER A 17 6.77 -7.31 18.49
C SER A 17 5.71 -8.04 19.31
N LEU A 18 5.67 -9.37 19.14
CA LEU A 18 4.74 -10.22 19.84
C LEU A 18 5.45 -11.51 20.24
N PRO A 19 5.36 -11.92 21.51
CA PRO A 19 6.24 -12.97 22.04
C PRO A 19 6.23 -14.30 21.29
N ALA A 20 5.39 -14.43 20.27
CA ALA A 20 5.39 -15.61 19.41
C ALA A 20 4.91 -15.18 18.03
N PRO A 21 5.14 -15.99 17.01
CA PRO A 21 4.56 -15.68 15.69
C PRO A 21 3.14 -16.21 15.57
N SER A 22 2.42 -15.64 14.61
CA SER A 22 1.04 -16.02 14.36
C SER A 22 0.96 -17.34 13.61
N PRO A 23 -0.10 -18.12 13.82
CA PRO A 23 -0.36 -19.25 12.92
C PRO A 23 -0.65 -18.73 11.53
N SER A 24 0.25 -19.04 10.59
CA SER A 24 0.10 -18.56 9.22
C SER A 24 -1.23 -19.01 8.63
N SER A 25 -1.59 -20.27 8.86
CA SER A 25 -2.94 -20.73 8.58
C SER A 25 -3.16 -22.05 9.30
N SER A 26 -4.25 -22.12 10.03
CA SER A 26 -4.91 -23.37 10.37
C SER A 26 -6.39 -23.24 10.04
N ASN A 27 -6.68 -22.75 8.83
CA ASN A 27 -8.02 -22.49 8.37
C ASN A 27 -8.60 -23.59 7.48
N ILE A 28 -8.09 -24.83 7.58
CA ILE A 28 -8.87 -25.96 7.09
C ILE A 28 -10.13 -26.10 7.94
N SER A 29 -10.03 -25.72 9.22
CA SER A 29 -11.14 -25.81 10.16
C SER A 29 -12.35 -25.03 9.66
N LEU A 30 -12.12 -23.78 9.25
CA LEU A 30 -13.19 -22.97 8.68
C LEU A 30 -13.95 -23.69 7.58
N TRP A 31 -13.32 -24.58 6.82
CA TRP A 31 -14.03 -25.19 5.70
C TRP A 31 -15.27 -25.94 6.17
N ASN A 32 -15.07 -27.00 6.97
CA ASN A 32 -16.22 -27.75 7.45
C ASN A 32 -17.08 -26.91 8.38
N ILE A 33 -16.46 -26.10 9.25
CA ILE A 33 -17.29 -25.34 10.20
C ILE A 33 -18.22 -24.35 9.50
N LEU A 34 -17.80 -23.76 8.37
CA LEU A 34 -18.64 -22.77 7.72
C LEU A 34 -19.62 -23.41 6.73
N ARG A 35 -19.16 -24.35 5.89
CA ARG A 35 -20.14 -24.89 4.96
C ARG A 35 -21.11 -25.85 5.65
N ASN A 36 -20.97 -26.02 6.97
CA ASN A 36 -22.03 -26.61 7.78
C ASN A 36 -22.84 -25.57 8.54
N ASN A 37 -22.69 -24.27 8.23
CA ASN A 37 -23.41 -23.21 8.93
C ASN A 37 -23.84 -22.09 7.99
N ILE A 38 -24.37 -22.43 6.80
CA ILE A 38 -24.49 -21.44 5.75
C ILE A 38 -25.52 -20.36 6.07
N GLY A 39 -26.44 -20.56 6.98
CA GLY A 39 -27.25 -19.39 7.22
C GLY A 39 -27.17 -18.85 8.62
N LYS A 40 -26.35 -19.45 9.46
CA LYS A 40 -26.55 -19.30 10.90
C LYS A 40 -25.74 -18.13 11.44
N ASP A 41 -26.26 -17.51 12.50
CA ASP A 41 -25.54 -16.45 13.19
C ASP A 41 -24.29 -17.04 13.82
N LEU A 42 -23.14 -16.64 13.30
CA LEU A 42 -21.87 -17.22 13.72
C LEU A 42 -21.59 -16.98 15.20
N SER A 43 -22.22 -15.97 15.80
CA SER A 43 -22.07 -15.79 17.23
C SER A 43 -22.51 -17.03 17.99
N LYS A 44 -23.41 -17.82 17.40
CA LYS A 44 -23.98 -19.02 18.00
C LYS A 44 -23.18 -20.28 17.68
N VAL A 45 -22.03 -20.18 17.02
CA VAL A 45 -21.28 -21.34 16.56
C VAL A 45 -19.88 -21.33 17.19
N ALA A 46 -19.54 -22.41 17.89
CA ALA A 46 -18.27 -22.52 18.58
C ALA A 46 -17.16 -22.92 17.60
N MET A 47 -15.97 -22.40 17.84
CA MET A 47 -14.85 -22.60 16.93
C MET A 47 -13.57 -22.87 17.69
N PRO A 48 -12.63 -23.60 17.10
CA PRO A 48 -11.31 -23.77 17.70
C PRO A 48 -10.58 -22.44 17.85
N VAL A 49 -9.85 -22.30 18.96
CA VAL A 49 -9.21 -21.03 19.30
C VAL A 49 -8.15 -20.62 18.29
N GLU A 50 -7.55 -21.57 17.57
CA GLU A 50 -6.51 -21.21 16.62
C GLU A 50 -7.04 -20.36 15.46
N LEU A 51 -8.36 -20.30 15.28
CA LEU A 51 -8.96 -19.38 14.31
C LEU A 51 -9.12 -17.97 14.84
N ASN A 52 -8.80 -17.72 16.10
CA ASN A 52 -9.00 -16.39 16.65
C ASN A 52 -7.77 -15.52 16.40
N GLU A 53 -7.81 -14.31 16.93
CA GLU A 53 -6.66 -13.43 17.03
C GLU A 53 -6.61 -12.87 18.43
N PRO A 54 -5.42 -12.61 18.94
CA PRO A 54 -5.30 -12.08 20.32
C PRO A 54 -5.83 -10.66 20.48
N LEU A 55 -7.06 -10.43 20.05
CA LEU A 55 -7.81 -9.21 20.32
C LEU A 55 -9.28 -9.58 20.46
N ASN A 56 -10.07 -8.69 21.03
CA ASN A 56 -11.50 -8.94 21.17
C ASN A 56 -12.28 -7.74 20.65
N THR A 57 -13.61 -7.80 20.74
CA THR A 57 -14.41 -6.77 20.06
C THR A 57 -14.36 -5.43 20.78
N LEU A 58 -14.03 -5.39 22.07
CA LEU A 58 -13.92 -4.12 22.77
C LEU A 58 -12.67 -3.38 22.34
N GLN A 59 -11.54 -4.10 22.29
CA GLN A 59 -10.35 -3.56 21.66
C GLN A 59 -10.55 -3.25 20.17
N ARG A 60 -11.38 -4.03 19.45
CA ARG A 60 -11.55 -3.72 18.04
C ARG A 60 -12.37 -2.44 17.87
N LEU A 61 -13.29 -2.16 18.81
CA LEU A 61 -13.85 -0.82 18.92
C LEU A 61 -12.82 0.21 19.32
N CYS A 62 -11.78 -0.20 20.06
CA CYS A 62 -10.73 0.75 20.41
C CYS A 62 -10.01 1.24 19.15
N GLU A 63 -9.61 0.29 18.29
CA GLU A 63 -9.02 0.54 16.98
C GLU A 63 -9.63 1.75 16.26
N GLU A 64 -10.93 1.94 16.39
CA GLU A 64 -11.61 3.05 15.73
C GLU A 64 -11.07 4.41 16.11
N LEU A 65 -10.11 4.48 17.03
CA LEU A 65 -9.49 5.74 17.37
C LEU A 65 -8.00 5.75 17.07
N GLU A 66 -7.53 4.83 16.23
CA GLU A 66 -6.14 4.86 15.77
C GLU A 66 -5.82 6.18 15.10
N TYR A 67 -6.82 6.84 14.54
CA TYR A 67 -6.67 8.12 13.86
C TYR A 67 -7.49 9.20 14.55
N SER A 68 -7.59 9.10 15.88
CA SER A 68 -8.37 10.03 16.68
C SER A 68 -7.95 11.48 16.47
N GLU A 69 -6.69 11.70 16.09
CA GLU A 69 -6.16 13.04 15.93
C GLU A 69 -6.89 13.82 14.85
N LEU A 70 -7.56 13.15 13.92
CA LEU A 70 -8.47 13.83 12.99
C LEU A 70 -9.47 14.65 13.77
N LEU A 71 -10.09 14.02 14.77
CA LEU A 71 -10.99 14.74 15.66
C LEU A 71 -10.26 15.82 16.44
N ASP A 72 -9.03 15.53 16.89
CA ASP A 72 -8.22 16.55 17.55
C ASP A 72 -8.01 17.76 16.67
N LYS A 73 -8.12 17.63 15.34
CA LYS A 73 -8.05 18.81 14.49
C LYS A 73 -9.43 19.41 14.26
N ALA A 74 -10.45 18.55 14.20
CA ALA A 74 -11.80 18.97 13.85
C ALA A 74 -12.27 20.13 14.71
N ALA A 75 -12.47 19.89 16.00
CA ALA A 75 -13.03 20.93 16.85
C ALA A 75 -12.15 22.19 16.95
N GLN A 76 -11.08 22.28 16.18
CA GLN A 76 -10.13 23.38 16.29
C GLN A 76 -10.16 24.25 15.04
N ILE A 77 -11.33 24.36 14.43
CA ILE A 77 -11.55 24.99 13.12
C ILE A 77 -12.85 25.77 13.26
N PRO A 78 -12.89 27.07 12.99
CA PRO A 78 -14.16 27.79 13.08
C PRO A 78 -15.21 27.32 12.09
N SER A 79 -14.78 26.76 10.97
CA SER A 79 -15.75 26.38 9.95
C SER A 79 -16.45 25.11 10.38
N PRO A 80 -17.79 25.10 10.39
CA PRO A 80 -18.52 23.84 10.62
C PRO A 80 -18.30 22.79 9.53
N LEU A 81 -18.34 23.22 8.27
CA LEU A 81 -18.33 22.25 7.17
C LEU A 81 -17.02 21.48 7.13
N GLU A 82 -15.91 22.18 7.36
CA GLU A 82 -14.63 21.51 7.43
C GLU A 82 -14.60 20.57 8.61
N ARG A 83 -15.26 20.93 9.70
CA ARG A 83 -15.33 20.01 10.84
C ARG A 83 -16.06 18.75 10.46
N MET A 84 -17.16 18.89 9.71
CA MET A 84 -17.81 17.74 9.11
C MET A 84 -16.81 16.91 8.29
N VAL A 85 -16.08 17.58 7.40
CA VAL A 85 -15.13 16.91 6.51
C VAL A 85 -14.15 16.07 7.32
N TYR A 86 -13.57 16.67 8.34
CA TYR A 86 -12.63 15.93 9.15
C TYR A 86 -13.32 14.78 9.86
N VAL A 87 -14.60 14.95 10.22
CA VAL A 87 -15.34 13.87 10.87
C VAL A 87 -15.56 12.71 9.90
N ALA A 88 -16.00 13.03 8.69
CA ALA A 88 -16.17 12.03 7.66
C ALA A 88 -14.89 11.26 7.43
N ALA A 89 -13.75 11.95 7.47
CA ALA A 89 -12.48 11.23 7.38
C ALA A 89 -12.32 10.28 8.56
N PHE A 90 -12.60 10.76 9.78
CA PHE A 90 -12.47 9.90 10.96
C PHE A 90 -13.38 8.67 10.84
N ALA A 91 -14.58 8.88 10.31
CA ALA A 91 -15.55 7.80 10.16
C ALA A 91 -15.02 6.73 9.22
N ILE A 92 -14.62 7.14 8.00
CA ILE A 92 -14.09 6.17 7.04
C ILE A 92 -12.89 5.43 7.62
N SER A 93 -12.00 6.16 8.29
CA SER A 93 -10.78 5.53 8.81
C SER A 93 -11.06 4.34 9.71
N ALA A 94 -12.27 4.21 10.22
CA ALA A 94 -12.59 3.02 11.02
C ALA A 94 -12.42 1.74 10.22
N TYR A 95 -12.71 1.79 8.92
CA TYR A 95 -12.62 0.61 8.07
C TYR A 95 -11.21 0.32 7.58
N ALA A 96 -10.26 1.24 7.71
CA ALA A 96 -8.94 1.04 7.10
C ALA A 96 -8.26 -0.20 7.65
N SER A 97 -8.43 -0.48 8.94
CA SER A 97 -7.70 -1.58 9.55
C SER A 97 -8.13 -2.93 8.96
N SER A 98 -9.36 -3.03 8.48
CA SER A 98 -9.90 -4.30 8.00
C SER A 98 -9.31 -4.76 6.67
N TYR A 99 -8.56 -3.91 5.97
CA TYR A 99 -7.99 -4.30 4.68
C TYR A 99 -7.03 -5.46 4.82
N TYR A 100 -6.13 -5.35 5.79
CA TYR A 100 -5.12 -6.39 5.99
C TYR A 100 -5.64 -7.53 6.85
N ARG A 101 -6.63 -7.28 7.71
CA ARG A 101 -7.15 -8.28 8.64
C ARG A 101 -8.49 -8.82 8.19
N ALA A 102 -8.65 -9.06 6.89
CA ALA A 102 -9.98 -9.24 6.32
C ALA A 102 -10.75 -10.37 7.00
N GLY A 103 -10.18 -11.57 7.01
CA GLY A 103 -10.89 -12.66 7.64
C GLY A 103 -11.09 -12.56 9.14
N SER A 104 -9.99 -12.65 9.91
CA SER A 104 -10.02 -13.25 11.24
C SER A 104 -11.05 -12.63 12.18
N LYS A 105 -11.70 -13.52 12.95
CA LYS A 105 -12.61 -13.20 14.01
C LYS A 105 -11.83 -12.89 15.28
N PRO A 106 -12.29 -11.92 16.06
CA PRO A 106 -11.70 -11.67 17.38
C PRO A 106 -12.38 -12.53 18.43
N PHE A 107 -11.80 -12.49 19.64
CA PHE A 107 -12.42 -13.15 20.78
C PHE A 107 -13.77 -12.50 21.07
N ASN A 108 -14.80 -13.35 21.20
CA ASN A 108 -16.11 -12.86 21.66
C ASN A 108 -15.97 -12.52 23.12
N PRO A 109 -16.16 -11.27 23.52
CA PRO A 109 -15.92 -10.89 24.92
C PRO A 109 -16.83 -11.66 25.86
N VAL A 110 -16.27 -12.01 27.02
CA VAL A 110 -17.04 -12.65 28.08
C VAL A 110 -18.05 -11.65 28.65
N LEU A 111 -19.23 -12.14 29.02
CA LEU A 111 -20.20 -11.28 29.67
C LEU A 111 -19.58 -10.66 30.91
N GLY A 112 -19.62 -9.33 30.99
CA GLY A 112 -19.03 -8.59 32.09
C GLY A 112 -17.59 -8.15 31.88
N GLU A 113 -16.89 -8.71 30.90
CA GLU A 113 -15.52 -8.34 30.58
C GLU A 113 -15.40 -6.85 30.29
N THR A 114 -14.18 -6.35 30.43
CA THR A 114 -13.85 -4.95 30.22
C THR A 114 -12.53 -4.83 29.45
N TYR A 115 -12.30 -3.63 28.95
CA TYR A 115 -10.98 -3.28 28.45
C TYR A 115 -10.79 -1.79 28.65
N GLU A 116 -9.52 -1.37 28.81
CA GLU A 116 -9.24 -0.04 29.33
C GLU A 116 -8.05 0.30 28.40
N CYS A 117 -8.04 1.43 27.71
CA CYS A 117 -6.76 1.93 27.23
C CYS A 117 -6.65 3.42 27.46
N ILE A 118 -5.62 3.80 28.20
CA ILE A 118 -5.40 5.18 28.62
C ILE A 118 -4.20 5.68 27.85
N ARG A 119 -4.44 6.49 26.82
CA ARG A 119 -3.35 7.03 26.00
C ARG A 119 -3.17 8.52 26.32
N GLU A 120 -2.16 8.85 27.13
CA GLU A 120 -1.70 10.24 27.20
C GLU A 120 -1.15 10.70 25.88
N ASP A 121 -0.65 9.77 25.06
CA ASP A 121 -0.04 10.13 23.79
C ASP A 121 -1.03 10.90 22.91
N LYS A 122 -2.12 10.26 22.52
CA LYS A 122 -3.19 10.95 21.80
C LYS A 122 -4.20 11.61 22.74
N GLY A 123 -4.00 11.53 24.04
CA GLY A 123 -4.83 12.24 24.99
C GLY A 123 -6.27 11.80 25.08
N PHE A 124 -6.53 10.49 25.08
CA PHE A 124 -7.86 10.00 25.37
C PHE A 124 -7.79 8.85 26.38
N GLN A 125 -8.92 8.65 27.06
CA GLN A 125 -9.13 7.57 28.01
C GLN A 125 -10.27 6.72 27.48
N PHE A 126 -10.03 5.42 27.29
CA PHE A 126 -10.99 4.55 26.64
C PHE A 126 -11.35 3.41 27.58
N PHE A 127 -12.66 3.16 27.73
CA PHE A 127 -13.11 2.03 28.51
C PHE A 127 -14.27 1.36 27.78
N SER A 128 -14.40 0.07 28.03
CA SER A 128 -15.38 -0.71 27.30
C SER A 128 -15.77 -1.89 28.14
N GLU A 129 -17.04 -2.31 28.00
CA GLU A 129 -17.48 -3.44 28.78
C GLU A 129 -18.27 -4.32 27.81
N GLN A 130 -18.33 -5.61 28.12
CA GLN A 130 -19.22 -6.52 27.42
C GLN A 130 -20.50 -6.59 28.24
N VAL A 131 -21.58 -6.04 27.69
CA VAL A 131 -22.75 -5.77 28.52
C VAL A 131 -23.84 -6.82 28.38
N SER A 132 -23.92 -7.48 27.22
CA SER A 132 -24.83 -8.60 27.01
C SER A 132 -24.11 -9.66 26.20
N HIS A 133 -24.44 -10.92 26.45
CA HIS A 133 -23.91 -12.02 25.65
C HIS A 133 -24.94 -12.67 24.76
N HIS A 134 -26.21 -12.67 25.15
CA HIS A 134 -27.33 -13.13 24.32
C HIS A 134 -28.32 -11.99 24.20
N PRO A 135 -28.24 -11.16 23.12
CA PRO A 135 -27.22 -11.05 22.05
C PRO A 135 -25.89 -10.45 22.53
N PRO A 136 -24.80 -10.50 21.70
CA PRO A 136 -23.48 -10.02 22.10
C PRO A 136 -23.37 -8.53 21.87
N ILE A 137 -23.40 -7.75 22.94
CA ILE A 137 -23.32 -6.30 22.81
C ILE A 137 -22.11 -5.76 23.57
N SER A 138 -21.35 -4.90 22.86
CA SER A 138 -20.17 -4.24 23.37
C SER A 138 -20.48 -2.75 23.51
N ALA A 139 -20.09 -2.15 24.64
CA ALA A 139 -20.30 -0.73 24.87
C ALA A 139 -18.96 -0.08 25.17
N CYS A 140 -18.67 1.02 24.49
CA CYS A 140 -17.39 1.70 24.64
C CYS A 140 -17.64 3.18 24.85
N HIS A 141 -16.83 3.77 25.73
CA HIS A 141 -16.82 5.21 25.93
C HIS A 141 -15.37 5.66 26.02
N ALA A 142 -15.07 6.81 25.41
CA ALA A 142 -13.74 7.38 25.43
C ALA A 142 -13.84 8.89 25.62
N GLU A 143 -12.93 9.43 26.43
CA GLU A 143 -12.93 10.81 26.89
C GLU A 143 -11.65 11.49 26.45
N SER A 144 -11.78 12.65 25.79
CA SER A 144 -10.65 13.48 25.45
C SER A 144 -11.07 14.94 25.57
N ARG A 145 -10.07 15.82 25.74
CA ARG A 145 -10.35 17.23 25.95
C ARG A 145 -10.98 17.86 24.72
N ASN A 146 -10.79 17.27 23.55
CA ASN A 146 -11.31 17.83 22.32
C ASN A 146 -12.57 17.14 21.83
N PHE A 147 -12.82 15.91 22.30
CA PHE A 147 -13.97 15.14 21.85
C PHE A 147 -14.30 14.14 22.93
N VAL A 148 -15.56 13.70 22.95
CA VAL A 148 -15.92 12.45 23.60
C VAL A 148 -16.52 11.55 22.54
N PHE A 149 -16.11 10.29 22.56
CA PHE A 149 -16.42 9.35 21.51
C PHE A 149 -17.04 8.13 22.16
N TRP A 150 -18.25 7.77 21.77
CA TRP A 150 -18.87 6.63 22.41
C TRP A 150 -19.82 5.92 21.45
N GLN A 151 -20.01 4.63 21.72
CA GLN A 151 -20.94 3.84 20.93
C GLN A 151 -21.16 2.47 21.57
N ASP A 152 -21.90 1.66 20.82
CA ASP A 152 -22.72 0.56 21.30
C ASP A 152 -23.02 -0.31 20.09
N VAL A 153 -22.43 -1.51 20.01
CA VAL A 153 -22.56 -2.32 18.79
C VAL A 153 -22.71 -3.81 19.08
N ARG A 154 -23.51 -4.46 18.23
CA ARG A 154 -23.60 -5.92 18.15
C ARG A 154 -23.54 -6.35 16.69
N TRP A 155 -22.88 -7.48 16.43
CA TRP A 155 -22.57 -7.90 15.07
C TRP A 155 -23.44 -9.07 14.66
N LYS A 156 -24.10 -8.95 13.51
CA LYS A 156 -24.93 -10.02 12.96
C LYS A 156 -24.17 -10.77 11.86
N ASN A 157 -23.13 -11.50 12.27
CA ASN A 157 -22.26 -12.14 11.29
C ASN A 157 -22.85 -13.48 10.82
N LYS A 158 -22.94 -13.66 9.51
CA LYS A 158 -23.38 -14.90 8.90
C LYS A 158 -22.46 -15.20 7.72
N PHE A 159 -22.31 -16.50 7.42
CA PHE A 159 -21.52 -16.96 6.30
C PHE A 159 -22.45 -17.58 5.27
N TRP A 160 -22.60 -16.93 4.13
CA TRP A 160 -23.36 -17.47 3.01
C TRP A 160 -22.46 -18.47 2.30
N GLY A 161 -22.78 -18.92 1.10
CA GLY A 161 -21.95 -19.97 0.49
C GLY A 161 -20.46 -19.65 0.38
N LYS A 162 -20.12 -18.43 -0.04
CA LYS A 162 -18.73 -18.15 -0.42
C LYS A 162 -18.14 -16.98 0.34
N SER A 163 -18.97 -16.04 0.75
CA SER A 163 -18.47 -14.85 1.38
C SER A 163 -19.09 -14.72 2.77
N MET A 164 -18.39 -13.99 3.65
CA MET A 164 -18.81 -13.82 5.03
C MET A 164 -19.30 -12.39 5.29
N GLU A 165 -20.47 -12.27 5.90
CA GLU A 165 -21.05 -10.95 6.12
C GLU A 165 -20.80 -10.47 7.54
N ILE A 166 -20.49 -9.19 7.66
CA ILE A 166 -20.38 -8.49 8.91
C ILE A 166 -21.46 -7.42 8.90
N VAL A 167 -22.34 -7.44 9.90
CA VAL A 167 -23.45 -6.49 9.96
C VAL A 167 -23.42 -5.78 11.31
N PRO A 168 -22.68 -4.69 11.46
CA PRO A 168 -22.74 -3.90 12.70
C PRO A 168 -24.13 -3.30 12.87
N ILE A 169 -24.63 -3.36 14.10
CA ILE A 169 -25.89 -2.70 14.44
C ILE A 169 -25.59 -1.71 15.55
N GLY A 170 -26.03 -0.47 15.37
CA GLY A 170 -25.71 0.61 16.29
C GLY A 170 -25.17 1.82 15.56
N THR A 171 -25.16 2.93 16.29
CA THR A 171 -24.69 4.20 15.73
C THR A 171 -23.49 4.70 16.53
N THR A 172 -22.72 5.58 15.89
CA THR A 172 -21.49 6.10 16.47
C THR A 172 -21.68 7.58 16.76
N HIS A 173 -21.26 8.00 17.97
CA HIS A 173 -21.47 9.35 18.47
C HIS A 173 -20.13 9.98 18.82
N VAL A 174 -19.87 11.16 18.28
CA VAL A 174 -18.73 11.99 18.67
C VAL A 174 -19.23 13.40 18.96
N THR A 175 -18.86 13.93 20.12
CA THR A 175 -19.09 15.35 20.37
C THR A 175 -17.80 16.11 20.58
N LEU A 176 -17.85 17.34 20.08
CA LEU A 176 -16.81 18.34 20.22
C LEU A 176 -17.30 19.42 21.18
N PRO A 177 -16.76 19.50 22.41
CA PRO A 177 -17.32 20.42 23.40
C PRO A 177 -17.17 21.88 23.01
N VAL A 178 -15.94 22.26 22.64
CA VAL A 178 -15.59 23.66 22.41
C VAL A 178 -16.42 24.21 21.25
N PHE A 179 -17.27 23.36 20.68
CA PHE A 179 -18.24 23.81 19.69
C PHE A 179 -19.62 23.22 19.91
N GLY A 180 -19.80 22.38 20.93
CA GLY A 180 -21.10 21.78 21.16
C GLY A 180 -21.59 20.93 20.02
N ASP A 181 -20.69 20.26 19.30
CA ASP A 181 -21.02 19.48 18.12
C ASP A 181 -21.43 18.08 18.50
N HIS A 182 -22.53 17.60 17.95
CA HIS A 182 -22.95 16.22 18.12
C HIS A 182 -23.03 15.56 16.75
N PHE A 183 -21.98 14.79 16.43
CA PHE A 183 -21.91 14.00 15.20
C PHE A 183 -22.40 12.58 15.48
N GLU A 184 -23.33 12.13 14.63
CA GLU A 184 -23.93 10.80 14.73
C GLU A 184 -23.96 10.19 13.34
N TRP A 185 -23.46 8.94 13.20
CA TRP A 185 -23.49 8.28 11.89
C TRP A 185 -23.61 6.76 12.03
N ASN A 186 -24.08 6.14 10.94
CA ASN A 186 -24.27 4.69 10.90
C ASN A 186 -22.97 3.91 10.62
N LYS A 187 -22.91 2.69 11.15
CA LYS A 187 -21.99 1.68 10.66
C LYS A 187 -22.61 1.05 9.42
N VAL A 188 -21.79 0.32 8.65
CA VAL A 188 -22.22 -0.09 7.33
C VAL A 188 -21.82 -1.56 7.15
N THR A 189 -22.38 -2.22 6.13
CA THR A 189 -22.24 -3.68 6.00
C THR A 189 -20.91 -4.04 5.34
N SER A 190 -20.40 -5.27 5.59
CA SER A 190 -19.17 -5.75 4.94
C SER A 190 -19.29 -7.19 4.47
N CYS A 191 -19.22 -7.45 3.16
CA CYS A 191 -19.03 -8.83 2.66
C CYS A 191 -17.51 -9.05 2.50
N ILE A 192 -17.00 -10.14 3.08
CA ILE A 192 -15.64 -10.60 2.81
C ILE A 192 -15.75 -11.70 1.76
N HIS A 193 -15.42 -11.38 0.52
CA HIS A 193 -15.56 -12.33 -0.57
C HIS A 193 -14.41 -13.31 -0.56
N ASN A 194 -14.76 -14.59 -0.79
CA ASN A 194 -13.81 -15.70 -0.90
C ASN A 194 -13.03 -15.91 0.40
N ILE A 195 -13.74 -15.84 1.53
CA ILE A 195 -13.10 -16.04 2.82
C ILE A 195 -12.55 -17.47 2.98
N LEU A 196 -13.00 -18.40 2.16
CA LEU A 196 -12.40 -19.73 2.12
C LEU A 196 -11.43 -19.90 0.96
N SER A 197 -11.61 -19.12 -0.12
CA SER A 197 -10.82 -19.24 -1.34
C SER A 197 -9.57 -18.38 -1.27
N GLY A 198 -8.85 -18.29 -2.39
CA GLY A 198 -7.47 -17.87 -2.41
C GLY A 198 -7.18 -16.49 -1.87
N GLN A 199 -7.83 -15.48 -2.43
CA GLN A 199 -7.59 -14.10 -2.03
C GLN A 199 -8.87 -13.55 -1.41
N ARG A 200 -8.85 -13.42 -0.10
CA ARG A 200 -9.94 -12.81 0.65
C ARG A 200 -9.94 -11.32 0.35
N TRP A 201 -11.01 -10.83 -0.26
CA TRP A 201 -11.08 -9.37 -0.41
C TRP A 201 -12.38 -8.84 0.16
N ILE A 202 -12.26 -7.84 1.01
CA ILE A 202 -13.37 -7.27 1.75
C ILE A 202 -14.05 -6.20 0.90
N GLU A 203 -15.30 -5.92 1.23
CA GLU A 203 -16.05 -4.93 0.48
C GLU A 203 -17.16 -4.38 1.38
N HIS A 204 -17.37 -3.07 1.30
CA HIS A 204 -18.22 -2.34 2.21
C HIS A 204 -19.44 -1.85 1.45
N TYR A 205 -20.62 -2.01 2.05
CA TYR A 205 -21.88 -1.73 1.37
C TYR A 205 -22.70 -0.77 2.21
N GLY A 206 -23.30 0.18 1.54
CA GLY A 206 -24.24 1.12 2.11
C GLY A 206 -23.74 2.53 1.93
N GLU A 207 -24.41 3.44 2.62
CA GLU A 207 -24.09 4.86 2.62
C GLU A 207 -23.90 5.25 4.07
N ILE A 208 -22.79 5.91 4.38
CA ILE A 208 -22.65 6.53 5.69
C ILE A 208 -23.23 7.93 5.62
N VAL A 209 -24.09 8.24 6.59
CA VAL A 209 -24.69 9.55 6.77
C VAL A 209 -24.21 10.10 8.09
N ILE A 210 -23.60 11.27 8.04
CA ILE A 210 -23.12 11.94 9.24
C ILE A 210 -23.98 13.17 9.43
N LYS A 211 -24.62 13.24 10.60
CA LYS A 211 -25.49 14.34 10.96
C LYS A 211 -24.88 15.05 12.17
N ASN A 212 -24.89 16.38 12.14
CA ASN A 212 -24.81 17.16 13.36
C ASN A 212 -26.24 17.36 13.85
N LEU A 213 -26.55 16.72 14.98
CA LEU A 213 -27.79 17.01 15.69
C LEU A 213 -27.91 18.50 15.99
N HIS A 214 -26.87 19.09 16.59
CA HIS A 214 -26.88 20.48 17.04
C HIS A 214 -26.67 21.49 15.91
N ASP A 215 -26.35 21.06 14.70
CA ASP A 215 -26.16 21.98 13.58
C ASP A 215 -26.97 21.53 12.36
N ASP A 216 -27.88 22.39 11.92
CA ASP A 216 -28.75 22.18 10.76
C ASP A 216 -28.07 22.49 9.43
N SER A 217 -26.96 23.24 9.45
CA SER A 217 -26.34 23.74 8.23
C SER A 217 -26.04 22.63 7.23
N CYS A 218 -25.45 21.54 7.71
CA CYS A 218 -24.64 20.62 6.94
C CYS A 218 -24.95 19.17 7.27
N TYR A 219 -24.89 18.33 6.25
CA TYR A 219 -24.91 16.89 6.44
C TYR A 219 -23.98 16.24 5.43
N CYS A 220 -23.46 15.05 5.76
CA CYS A 220 -22.47 14.40 4.91
C CYS A 220 -22.93 13.00 4.49
N LYS A 221 -22.77 12.69 3.20
CA LYS A 221 -22.98 11.34 2.67
C LYS A 221 -21.69 10.80 2.06
N VAL A 222 -21.30 9.59 2.50
CA VAL A 222 -20.15 8.89 1.94
C VAL A 222 -20.63 7.57 1.37
N ASN A 223 -20.28 7.28 0.13
CA ASN A 223 -20.66 6.05 -0.55
C ASN A 223 -19.41 5.21 -0.85
N PHE A 224 -19.55 3.87 -0.75
CA PHE A 224 -18.47 2.95 -1.09
C PHE A 224 -18.70 2.46 -2.52
N ILE A 225 -17.73 2.71 -3.39
CA ILE A 225 -17.82 2.27 -4.77
C ILE A 225 -17.49 0.79 -4.82
N LYS A 226 -18.45 -0.01 -5.25
CA LYS A 226 -18.18 -1.42 -5.45
C LYS A 226 -17.69 -1.60 -6.87
N ALA A 227 -16.60 -2.33 -7.02
CA ALA A 227 -15.98 -2.49 -8.31
C ALA A 227 -15.31 -3.84 -8.31
N LYS A 228 -15.08 -4.37 -9.51
CA LYS A 228 -14.43 -5.66 -9.58
C LYS A 228 -13.07 -5.54 -8.91
N TYR A 229 -12.73 -6.58 -8.17
CA TYR A 229 -11.55 -6.71 -7.32
C TYR A 229 -10.30 -6.06 -7.94
N TRP A 230 -10.16 -6.22 -9.25
CA TRP A 230 -8.95 -5.78 -9.97
C TRP A 230 -9.12 -4.43 -10.64
N SER A 231 -10.22 -3.73 -10.41
CA SER A 231 -10.44 -2.45 -11.07
C SER A 231 -9.54 -1.38 -10.49
N THR A 232 -9.38 -0.29 -11.24
CA THR A 232 -8.69 0.85 -10.65
C THR A 232 -9.61 1.65 -9.75
N ASN A 233 -10.88 1.30 -9.70
CA ASN A 233 -11.77 1.90 -8.74
C ASN A 233 -12.04 1.01 -7.51
N ALA A 234 -11.24 -0.03 -7.34
CA ALA A 234 -11.39 -0.84 -6.14
C ALA A 234 -11.17 0.01 -4.90
N HIS A 235 -11.97 -0.23 -3.87
CA HIS A 235 -11.83 0.40 -2.55
C HIS A 235 -11.99 1.90 -2.61
N GLU A 236 -12.67 2.39 -3.63
CA GLU A 236 -12.85 3.81 -3.83
C GLU A 236 -13.97 4.32 -2.92
N ILE A 237 -13.87 5.57 -2.49
CA ILE A 237 -15.03 6.21 -1.87
C ILE A 237 -15.38 7.50 -2.60
N GLU A 238 -16.64 7.89 -2.45
CA GLU A 238 -17.19 9.11 -3.02
C GLU A 238 -17.98 9.77 -1.90
N GLY A 239 -17.53 10.92 -1.42
CA GLY A 239 -18.22 11.62 -0.35
C GLY A 239 -18.61 13.02 -0.78
N THR A 240 -19.68 13.53 -0.18
CA THR A 240 -20.08 14.92 -0.32
C THR A 240 -20.51 15.46 1.04
N VAL A 241 -20.27 16.75 1.25
CA VAL A 241 -20.87 17.50 2.35
C VAL A 241 -21.86 18.49 1.75
N PHE A 242 -23.15 18.22 1.93
CA PHE A 242 -24.17 19.12 1.44
C PHE A 242 -24.59 20.13 2.51
N ASP A 243 -25.12 21.25 2.03
CA ASP A 243 -25.85 22.23 2.84
C ASP A 243 -27.29 21.77 3.02
N ARG A 244 -28.07 22.57 3.76
CA ARG A 244 -29.47 22.24 3.98
C ARG A 244 -30.21 22.01 2.68
N SER A 245 -29.87 22.77 1.62
CA SER A 245 -30.66 22.80 0.39
C SER A 245 -30.39 21.63 -0.54
N GLY A 246 -29.44 20.77 -0.19
CA GLY A 246 -29.06 19.65 -1.04
C GLY A 246 -28.03 19.96 -2.10
N LYS A 247 -27.42 21.14 -2.08
CA LYS A 247 -26.35 21.47 -2.99
C LYS A 247 -24.97 21.14 -2.40
N ALA A 248 -24.08 20.70 -3.27
CA ALA A 248 -22.78 20.17 -2.84
C ALA A 248 -21.82 21.29 -2.48
N VAL A 249 -21.03 21.06 -1.44
CA VAL A 249 -20.08 22.05 -0.97
C VAL A 249 -18.66 21.52 -1.11
N HIS A 250 -18.35 20.45 -0.38
CA HIS A 250 -17.03 19.82 -0.41
C HIS A 250 -17.18 18.36 -0.82
N ARG A 251 -16.25 17.88 -1.63
CA ARG A 251 -16.25 16.49 -2.07
C ARG A 251 -15.03 15.77 -1.50
N LEU A 252 -15.25 14.52 -1.08
CA LEU A 252 -14.19 13.68 -0.59
C LEU A 252 -13.95 12.57 -1.60
N PHE A 253 -12.69 12.25 -1.83
CA PHE A 253 -12.38 11.12 -2.69
C PHE A 253 -11.15 10.39 -2.15
N GLY A 254 -10.82 9.25 -2.76
CA GLY A 254 -9.69 8.44 -2.35
C GLY A 254 -10.10 7.00 -2.16
N LYS A 255 -9.34 6.28 -1.32
CA LYS A 255 -9.61 4.88 -1.04
C LYS A 255 -9.53 4.63 0.47
N TRP A 256 -10.48 3.81 0.97
CA TRP A 256 -10.73 3.74 2.41
C TRP A 256 -9.62 3.03 3.17
N HIS A 257 -8.72 2.32 2.48
CA HIS A 257 -7.55 1.75 3.14
C HIS A 257 -6.28 2.54 2.87
N GLU A 258 -6.39 3.66 2.16
CA GLU A 258 -5.16 4.26 1.66
C GLU A 258 -5.07 5.75 1.97
N SER A 259 -6.03 6.53 1.49
CA SER A 259 -5.91 7.99 1.52
C SER A 259 -7.26 8.65 1.22
N ILE A 260 -7.56 9.73 1.93
CA ILE A 260 -8.75 10.52 1.65
C ILE A 260 -8.35 11.98 1.40
N TYR A 261 -9.15 12.67 0.57
CA TYR A 261 -8.91 14.03 0.10
C TYR A 261 -10.16 14.92 0.17
N CYS A 262 -10.04 16.11 0.82
CA CYS A 262 -10.85 17.31 0.57
C CYS A 262 -10.76 17.76 -0.89
N GLY A 263 -11.73 18.55 -1.30
CA GLY A 263 -11.57 19.32 -2.51
C GLY A 263 -12.17 18.69 -3.74
N GLY A 264 -11.31 18.18 -4.64
CA GLY A 264 -11.74 17.52 -5.85
C GLY A 264 -11.95 18.44 -7.05
N GLY A 265 -11.99 19.75 -6.83
CA GLY A 265 -12.18 20.71 -7.90
C GLY A 265 -10.99 21.64 -8.05
N SER A 266 -11.20 22.94 -7.71
CA SER A 266 -10.18 23.95 -7.93
C SER A 266 -8.91 23.65 -7.13
N SER A 267 -9.06 23.25 -5.88
CA SER A 267 -7.92 22.84 -5.08
C SER A 267 -8.30 21.58 -4.31
N SER A 268 -7.30 21.00 -3.66
CA SER A 268 -7.51 19.73 -3.00
C SER A 268 -6.45 19.57 -1.93
N ALA A 269 -6.72 18.66 -1.00
CA ALA A 269 -5.77 18.37 0.08
C ALA A 269 -5.99 16.94 0.52
N CYS A 270 -4.90 16.28 0.91
CA CYS A 270 -5.00 14.93 1.46
C CYS A 270 -5.32 15.07 2.93
N VAL A 271 -6.58 14.84 3.30
CA VAL A 271 -6.97 15.00 4.68
C VAL A 271 -6.67 13.75 5.53
N TRP A 272 -6.43 12.58 4.91
CA TRP A 272 -6.09 11.43 5.77
C TRP A 272 -5.25 10.40 5.04
N ARG A 273 -4.38 9.73 5.81
CA ARG A 273 -3.44 8.73 5.32
C ARG A 273 -3.29 7.63 6.34
N ALA A 274 -3.63 6.41 5.94
CA ALA A 274 -3.45 5.26 6.81
C ALA A 274 -2.00 5.10 7.23
N ASN A 275 -1.77 4.90 8.52
CA ASN A 275 -0.45 4.60 9.00
C ASN A 275 0.10 3.38 8.26
N PRO A 276 1.40 3.24 8.20
CA PRO A 276 1.97 2.07 7.53
C PRO A 276 2.10 0.91 8.50
N MET A 277 2.03 -0.29 7.94
CA MET A 277 1.96 -1.47 8.76
C MET A 277 3.32 -1.79 9.37
N PRO A 278 3.32 -2.56 10.47
CA PRO A 278 4.58 -2.91 11.12
C PRO A 278 5.42 -3.81 10.24
N LYS A 279 6.67 -3.96 10.66
CA LYS A 279 7.73 -4.51 9.85
C LYS A 279 7.48 -6.00 9.76
N GLY A 280 7.16 -6.48 8.56
CA GLY A 280 6.74 -7.86 8.48
C GLY A 280 5.51 -8.09 9.34
N TYR A 281 4.49 -7.25 9.16
CA TYR A 281 3.28 -7.37 9.96
C TYR A 281 2.66 -8.75 9.82
N GLU A 282 2.81 -9.41 8.66
CA GLU A 282 2.10 -10.66 8.39
C GLU A 282 2.35 -11.72 9.47
N GLN A 283 3.55 -11.75 10.06
CA GLN A 283 3.84 -12.84 11.00
C GLN A 283 3.14 -12.65 12.34
N TYR A 284 2.50 -11.50 12.57
CA TYR A 284 1.80 -11.29 13.83
C TYR A 284 0.33 -10.97 13.60
N TYR A 285 -0.37 -11.78 12.81
CA TYR A 285 -1.80 -11.61 12.56
C TYR A 285 -2.12 -10.33 11.80
N SER A 286 -1.13 -9.76 11.11
CA SER A 286 -1.30 -8.57 10.27
C SER A 286 -1.90 -7.40 11.05
N PHE A 287 -1.43 -7.20 12.29
CA PHE A 287 -1.91 -6.11 13.12
C PHE A 287 -1.30 -4.77 12.70
N THR A 288 -2.04 -3.70 12.90
CA THR A 288 -1.40 -2.40 12.88
C THR A 288 -0.49 -2.27 14.09
N GLN A 289 0.45 -1.32 14.03
CA GLN A 289 1.25 -1.01 15.21
C GLN A 289 0.33 -0.68 16.38
N PHE A 290 -0.76 0.03 16.09
CA PHE A 290 -1.75 0.38 17.09
C PHE A 290 -2.38 -0.86 17.71
N ALA A 291 -2.56 -1.91 16.89
CA ALA A 291 -3.18 -3.13 17.38
C ALA A 291 -2.24 -3.90 18.30
N LEU A 292 -0.95 -3.96 17.96
CA LEU A 292 0.01 -4.70 18.78
C LEU A 292 0.16 -4.10 20.16
N GLU A 293 -0.25 -2.83 20.32
CA GLU A 293 -0.10 -2.08 21.56
C GLU A 293 -1.30 -2.17 22.50
N LEU A 294 -2.31 -2.99 22.20
CA LEU A 294 -3.50 -2.94 23.04
C LEU A 294 -3.73 -4.18 23.89
N ASN A 295 -3.12 -5.33 23.56
CA ASN A 295 -3.00 -6.43 24.51
C ASN A 295 -1.56 -6.57 24.99
N GLU A 296 -0.91 -5.43 25.18
CA GLU A 296 0.40 -5.36 25.81
C GLU A 296 0.27 -4.71 27.17
N MET A 297 0.82 -5.38 28.18
CA MET A 297 0.64 -5.03 29.59
C MET A 297 1.98 -4.62 30.20
N ASP A 298 2.05 -3.36 30.64
CA ASP A 298 3.17 -2.73 31.34
C ASP A 298 3.11 -2.97 32.84
N PRO A 299 4.25 -2.85 33.53
CA PRO A 299 4.25 -3.14 34.98
C PRO A 299 3.40 -2.17 35.79
N SER A 300 3.46 -0.87 35.47
CA SER A 300 2.88 0.14 36.34
C SER A 300 1.35 0.15 36.30
N SER A 301 0.76 -0.32 35.21
CA SER A 301 -0.68 -0.31 35.09
C SER A 301 -1.34 -1.53 35.75
N LYS A 302 -0.59 -2.61 35.97
CA LYS A 302 -1.17 -3.84 36.49
C LYS A 302 -1.77 -3.67 37.88
N SER A 303 -1.43 -2.57 38.56
CA SER A 303 -1.96 -2.26 39.89
C SER A 303 -3.05 -1.18 39.85
N LEU A 304 -3.60 -0.89 38.67
CA LEU A 304 -4.53 0.23 38.50
C LEU A 304 -5.87 -0.14 37.88
N LEU A 305 -6.07 -1.37 37.43
CA LEU A 305 -7.22 -1.72 36.62
C LEU A 305 -7.94 -2.94 37.19
N PRO A 306 -9.26 -3.02 36.97
CA PRO A 306 -10.04 -4.18 37.46
C PRO A 306 -9.51 -5.49 36.89
N PRO A 307 -9.81 -6.61 37.54
CA PRO A 307 -9.37 -7.91 37.03
C PRO A 307 -10.18 -8.42 35.84
N THR A 308 -11.09 -7.61 35.31
CA THR A 308 -11.88 -7.94 34.13
C THR A 308 -11.35 -7.30 32.85
N ASP A 309 -10.18 -6.64 32.92
CA ASP A 309 -9.52 -6.15 31.72
C ASP A 309 -8.95 -7.32 30.93
N THR A 310 -9.01 -7.21 29.60
CA THR A 310 -8.79 -8.36 28.73
C THR A 310 -7.33 -8.79 28.70
N ARG A 311 -6.40 -7.91 29.10
CA ARG A 311 -4.99 -8.30 29.19
C ARG A 311 -4.80 -9.43 30.18
N PHE A 312 -5.66 -9.51 31.19
CA PHE A 312 -5.63 -10.62 32.13
C PHE A 312 -6.13 -11.92 31.52
N ARG A 313 -6.96 -11.85 30.49
CA ARG A 313 -7.60 -13.05 29.99
C ARG A 313 -6.56 -14.08 29.58
N PRO A 314 -6.57 -15.27 30.16
CA PRO A 314 -5.49 -16.24 29.88
C PRO A 314 -5.45 -16.69 28.43
N ASP A 315 -6.53 -17.30 27.93
CA ASP A 315 -6.50 -17.90 26.59
C ASP A 315 -6.04 -16.89 25.54
N GLN A 316 -6.45 -15.63 25.68
CA GLN A 316 -5.92 -14.58 24.83
C GLN A 316 -4.40 -14.49 24.96
N ARG A 317 -3.88 -14.44 26.20
CA ARG A 317 -2.46 -14.23 26.42
C ARG A 317 -1.65 -15.44 25.97
N PHE A 318 -2.18 -16.65 26.19
CA PHE A 318 -1.55 -17.89 25.78
C PHE A 318 -1.71 -18.16 24.29
N LEU A 319 -2.54 -17.39 23.59
CA LEU A 319 -2.49 -17.38 22.13
C LEU A 319 -1.50 -16.34 21.60
N GLU A 320 -1.46 -15.16 22.23
CA GLU A 320 -0.40 -14.19 21.97
C GLU A 320 0.96 -14.82 22.21
N GLU A 321 1.02 -15.82 23.09
CA GLU A 321 2.23 -16.54 23.48
C GLU A 321 2.57 -17.73 22.59
N GLY A 322 1.68 -18.17 21.70
CA GLY A 322 1.97 -19.32 20.87
C GLY A 322 1.60 -20.66 21.48
N ASN A 323 1.00 -20.68 22.67
CA ASN A 323 0.57 -21.92 23.31
C ASN A 323 -0.84 -22.24 22.84
N LEU A 324 -0.94 -23.03 21.76
CA LEU A 324 -2.25 -23.44 21.28
C LEU A 324 -2.99 -24.28 22.32
N GLU A 325 -2.26 -25.18 22.97
CA GLU A 325 -2.92 -26.12 23.87
C GLU A 325 -3.45 -25.40 25.12
N GLU A 326 -2.63 -24.53 25.72
CA GLU A 326 -3.07 -23.77 26.90
C GLU A 326 -4.23 -22.84 26.55
N ALA A 327 -4.20 -22.24 25.37
CA ALA A 327 -5.32 -21.39 24.94
C ALA A 327 -6.59 -22.20 24.76
N GLU A 328 -6.51 -23.32 24.03
CA GLU A 328 -7.69 -24.17 23.80
C GLU A 328 -8.26 -24.66 25.13
N ILE A 329 -7.40 -24.86 26.12
CA ILE A 329 -7.83 -25.31 27.46
C ILE A 329 -8.57 -24.18 28.17
N GLN A 330 -7.85 -23.07 28.40
CA GLN A 330 -8.44 -21.94 29.10
C GLN A 330 -9.80 -21.58 28.51
N LYS A 331 -9.89 -21.58 27.18
CA LYS A 331 -11.09 -21.08 26.49
C LYS A 331 -12.33 -21.90 26.87
N GLN A 332 -12.23 -23.22 26.80
CA GLN A 332 -13.36 -24.07 27.19
C GLN A 332 -13.71 -23.86 28.67
N ARG A 333 -12.68 -23.69 29.53
CA ARG A 333 -12.96 -23.40 30.93
C ARG A 333 -13.82 -22.13 31.08
N ILE A 334 -13.36 -21.03 30.48
CA ILE A 334 -14.10 -19.76 30.57
C ILE A 334 -15.52 -19.93 30.06
N GLU A 335 -15.69 -20.57 28.90
CA GLU A 335 -17.01 -20.64 28.30
C GLU A 335 -17.99 -21.45 29.16
N GLN A 336 -17.56 -22.60 29.69
CA GLN A 336 -18.52 -23.37 30.47
C GLN A 336 -18.81 -22.66 31.79
N LEU A 337 -17.85 -21.88 32.30
CA LEU A 337 -18.13 -21.04 33.46
C LEU A 337 -19.25 -20.04 33.15
N GLN A 338 -19.19 -19.40 31.98
CA GLN A 338 -20.24 -18.46 31.59
C GLN A 338 -21.58 -19.14 31.38
N ARG A 339 -21.60 -20.38 30.89
CA ARG A 339 -22.86 -21.09 30.89
C ARG A 339 -23.40 -21.23 32.32
N GLU A 340 -22.55 -21.70 33.24
CA GLU A 340 -22.97 -21.87 34.63
C GLU A 340 -23.52 -20.59 35.22
N ARG A 341 -22.96 -19.45 34.86
CA ARG A 341 -23.48 -18.24 35.49
C ARG A 341 -24.66 -17.63 34.77
N ARG A 342 -24.75 -17.79 33.44
CA ARG A 342 -26.00 -17.55 32.74
C ARG A 342 -27.14 -18.28 33.43
N ARG A 343 -26.89 -19.54 33.80
CA ARG A 343 -27.89 -20.39 34.46
C ARG A 343 -28.08 -20.01 35.94
N VAL A 344 -27.02 -19.57 36.63
CA VAL A 344 -27.13 -19.18 38.03
C VAL A 344 -28.03 -17.96 38.20
N LEU A 345 -27.80 -16.92 37.39
CA LEU A 345 -28.72 -15.79 37.43
C LEU A 345 -30.00 -15.99 36.61
N GLU A 346 -30.08 -17.08 35.82
CA GLU A 346 -31.34 -17.43 35.19
C GLU A 346 -32.31 -18.06 36.18
N GLU A 347 -31.81 -18.92 37.07
CA GLU A 347 -32.70 -19.52 38.07
C GLU A 347 -33.13 -18.52 39.13
N ASN A 348 -32.30 -17.53 39.43
CA ASN A 348 -32.72 -16.48 40.36
C ASN A 348 -33.53 -15.39 39.66
N HIS A 349 -33.97 -15.66 38.44
CA HIS A 349 -34.68 -14.72 37.56
C HIS A 349 -34.04 -13.33 37.59
N VAL A 350 -32.72 -13.31 37.45
CA VAL A 350 -31.93 -12.09 37.53
C VAL A 350 -31.70 -11.54 36.13
N GLU A 351 -32.11 -10.28 35.93
CA GLU A 351 -31.77 -9.53 34.72
C GLU A 351 -30.43 -8.87 35.05
N HIS A 352 -29.34 -9.52 34.67
CA HIS A 352 -27.99 -8.95 34.81
C HIS A 352 -27.99 -7.49 34.39
N GLN A 353 -27.35 -6.67 35.22
CA GLN A 353 -27.08 -5.31 34.79
C GLN A 353 -25.56 -5.10 34.69
N PRO A 354 -25.08 -4.52 33.59
CA PRO A 354 -23.64 -4.30 33.43
C PRO A 354 -23.13 -3.14 34.26
N ARG A 355 -21.82 -3.16 34.49
CA ARG A 355 -21.28 -2.31 35.54
C ARG A 355 -21.23 -0.84 35.12
N PHE A 356 -20.48 -0.40 34.09
CA PHE A 356 -20.30 1.04 34.11
C PHE A 356 -20.97 1.65 32.90
N PHE A 357 -21.91 0.90 32.33
CA PHE A 357 -22.80 1.36 31.28
C PHE A 357 -24.24 1.09 31.70
N ARG A 358 -25.12 2.01 31.35
CA ARG A 358 -26.54 1.95 31.64
C ARG A 358 -27.31 2.18 30.34
N LYS A 359 -28.45 1.51 30.21
CA LYS A 359 -29.24 1.54 28.98
C LYS A 359 -30.19 2.74 29.02
N SER A 360 -30.14 3.57 27.98
CA SER A 360 -31.11 4.64 27.80
C SER A 360 -31.55 4.69 26.35
N ASP A 361 -32.87 4.67 26.12
CA ASP A 361 -33.50 4.73 24.81
C ASP A 361 -33.09 3.58 23.89
N GLY A 362 -32.45 2.54 24.42
CA GLY A 362 -31.92 1.49 23.58
C GLY A 362 -30.50 1.67 23.14
N SER A 363 -29.71 2.47 23.87
CA SER A 363 -28.27 2.59 23.66
C SER A 363 -27.59 2.42 25.02
N TRP A 364 -26.50 1.68 25.08
CA TRP A 364 -25.73 1.55 26.32
C TRP A 364 -24.72 2.68 26.40
N VAL A 365 -24.95 3.64 27.30
CA VAL A 365 -24.03 4.76 27.45
C VAL A 365 -23.37 4.65 28.81
N SER A 366 -22.19 5.27 28.96
CA SER A 366 -21.52 5.26 30.25
C SER A 366 -22.42 5.89 31.31
N ASN A 367 -22.55 5.19 32.45
CA ASN A 367 -23.24 5.77 33.59
C ASN A 367 -22.44 6.91 34.20
N GLY A 368 -21.13 6.94 33.96
CA GLY A 368 -20.29 7.95 34.54
C GLY A 368 -19.68 7.43 35.82
N THR A 369 -19.05 6.26 35.76
CA THR A 369 -18.39 5.73 36.93
C THR A 369 -16.99 5.19 36.70
N TYR A 370 -16.58 4.84 35.47
CA TYR A 370 -15.33 4.11 35.31
C TYR A 370 -14.11 4.98 35.63
N LEU A 371 -14.02 6.16 34.99
CA LEU A 371 -12.80 6.95 35.09
C LEU A 371 -12.53 7.36 36.52
N GLU A 372 -13.58 7.86 37.20
CA GLU A 372 -13.46 8.33 38.58
C GLU A 372 -13.33 7.19 39.58
N LEU A 373 -13.85 6.02 39.26
CA LEU A 373 -13.61 4.83 40.07
C LEU A 373 -12.25 4.22 39.81
N ARG A 374 -11.53 4.72 38.81
CA ARG A 374 -10.10 4.49 38.72
C ARG A 374 -9.31 5.68 39.26
N LYS A 375 -9.97 6.82 39.45
CA LYS A 375 -9.32 8.06 39.86
C LYS A 375 -8.54 7.90 41.15
N ASP A 376 -8.98 7.00 42.02
CA ASP A 376 -8.29 6.73 43.27
C ASP A 376 -7.63 5.36 43.17
N LEU A 377 -6.36 5.30 43.58
CA LEU A 377 -5.51 4.14 43.37
C LEU A 377 -6.16 2.86 43.86
N GLY A 378 -5.83 1.74 43.18
CA GLY A 378 -5.99 0.41 43.75
C GLY A 378 -7.39 -0.03 44.14
N PHE A 379 -8.36 0.18 43.24
CA PHE A 379 -9.68 -0.37 43.46
C PHE A 379 -9.70 -1.89 43.49
N SER A 380 -9.57 -2.43 44.70
CA SER A 380 -9.81 -3.82 45.03
C SER A 380 -11.09 -3.95 45.84
N LYS A 381 -12.11 -3.16 45.46
CA LYS A 381 -13.34 -2.99 46.25
C LYS A 381 -14.37 -4.04 45.87
N LEU A 382 -14.16 -5.27 46.37
CA LEU A 382 -14.92 -6.44 45.97
C LEU A 382 -15.05 -6.44 44.45
N ASP A 383 -13.92 -6.59 43.75
CA ASP A 383 -13.95 -6.65 42.30
C ASP A 383 -14.96 -7.71 41.89
N HIS A 384 -16.03 -7.21 41.29
CA HIS A 384 -17.25 -7.95 41.05
C HIS A 384 -16.89 -9.11 40.12
N PRO A 385 -17.81 -10.08 39.92
CA PRO A 385 -17.39 -11.49 39.75
C PRO A 385 -16.10 -11.80 39.01
N VAL A 386 -15.38 -12.80 39.53
CA VAL A 386 -14.22 -13.35 38.85
C VAL A 386 -14.64 -13.96 37.52
N LEU A 387 -13.87 -13.69 36.47
CA LEU A 387 -14.14 -14.30 35.17
C LEU A 387 -13.06 -15.28 34.73
N TRP A 388 -11.92 -15.31 35.41
CA TRP A 388 -10.84 -16.24 35.07
C TRP A 388 -9.79 -16.27 36.20
N ARG B 13 1.62 -18.77 -17.57
CA ARG B 13 2.73 -19.69 -17.47
C ARG B 13 4.03 -19.05 -16.92
N ARG B 14 4.07 -17.72 -16.82
CA ARG B 14 5.32 -17.04 -16.50
C ARG B 14 5.71 -17.26 -15.04
N ARG B 15 7.02 -17.25 -14.78
CA ARG B 15 7.47 -17.52 -13.42
C ARG B 15 6.93 -16.47 -12.46
N THR B 16 6.83 -16.87 -11.19
CA THR B 16 6.40 -15.97 -10.11
C THR B 16 7.38 -15.98 -8.94
N SER B 17 8.55 -16.60 -9.10
CA SER B 17 9.53 -16.73 -8.02
C SER B 17 10.90 -16.93 -8.63
N LEU B 18 11.93 -16.69 -7.83
CA LEU B 18 13.26 -16.99 -8.28
C LEU B 18 13.75 -18.31 -7.69
N PRO B 19 14.77 -18.93 -8.30
CA PRO B 19 15.31 -20.17 -7.69
C PRO B 19 15.81 -19.97 -6.27
N ALA B 20 16.34 -18.78 -5.94
CA ALA B 20 16.90 -18.56 -4.63
C ALA B 20 16.46 -17.19 -4.10
N PRO B 21 16.32 -17.06 -2.78
CA PRO B 21 15.88 -15.79 -2.23
C PRO B 21 16.91 -14.67 -2.33
N SER B 22 16.40 -13.46 -2.34
CA SER B 22 17.20 -12.25 -2.25
C SER B 22 18.08 -12.30 -0.99
N PRO B 23 19.39 -12.08 -1.11
CA PRO B 23 20.26 -12.17 0.07
C PRO B 23 19.86 -11.20 1.17
N SER B 24 20.24 -11.56 2.40
CA SER B 24 19.80 -10.91 3.63
C SER B 24 20.64 -9.67 4.01
N SER B 25 21.32 -9.06 3.04
CA SER B 25 21.94 -7.73 3.18
C SER B 25 23.06 -7.71 4.22
N SER B 26 24.18 -8.34 3.85
CA SER B 26 25.47 -8.00 4.45
C SER B 26 25.90 -6.59 4.01
N ASN B 27 26.23 -5.73 4.98
CA ASN B 27 26.44 -4.31 4.75
C ASN B 27 27.91 -3.88 4.76
N ILE B 28 28.85 -4.83 4.89
CA ILE B 28 30.27 -4.49 4.86
C ILE B 28 30.64 -3.84 3.54
N SER B 29 29.98 -4.26 2.46
CA SER B 29 30.31 -3.81 1.11
C SER B 29 30.00 -2.33 0.87
N LEU B 30 29.19 -1.71 1.72
CA LEU B 30 28.60 -0.40 1.42
C LEU B 30 29.40 0.76 1.98
N TRP B 31 29.53 0.83 3.31
CA TRP B 31 30.15 1.99 3.95
C TRP B 31 31.60 2.13 3.52
N ASN B 32 32.35 1.04 3.55
CA ASN B 32 33.77 1.12 3.24
C ASN B 32 33.99 1.50 1.79
N ILE B 33 33.15 0.98 0.88
CA ILE B 33 33.30 1.30 -0.53
C ILE B 33 32.98 2.76 -0.80
N LEU B 34 31.90 3.29 -0.19
CA LEU B 34 31.38 4.58 -0.63
C LEU B 34 31.83 5.77 0.20
N ARG B 35 32.32 5.60 1.45
CA ARG B 35 32.77 6.79 2.18
C ARG B 35 33.95 7.47 1.49
N ASN B 36 34.67 6.73 0.65
CA ASN B 36 35.81 7.27 -0.08
C ASN B 36 35.36 8.29 -1.13
N ASN B 37 34.13 8.16 -1.61
CA ASN B 37 33.65 8.74 -2.86
C ASN B 37 32.54 9.79 -2.67
N ILE B 38 32.45 10.42 -1.50
CA ILE B 38 31.43 11.44 -1.31
C ILE B 38 31.71 12.59 -2.27
N GLY B 39 30.67 12.98 -3.03
CA GLY B 39 30.77 14.03 -4.03
C GLY B 39 31.21 13.54 -5.39
N LYS B 40 32.04 12.49 -5.45
CA LYS B 40 32.69 12.01 -6.67
C LYS B 40 31.74 11.14 -7.50
N ASP B 41 32.17 10.82 -8.71
CA ASP B 41 31.35 10.01 -9.62
C ASP B 41 31.28 8.56 -9.12
N LEU B 42 30.13 7.93 -9.34
CA LEU B 42 29.93 6.57 -8.86
C LEU B 42 29.79 5.51 -9.94
N SER B 43 29.63 5.91 -11.21
CA SER B 43 29.59 4.94 -12.32
C SER B 43 30.98 4.67 -12.92
N LYS B 44 32.05 5.02 -12.19
CA LYS B 44 33.41 4.58 -12.50
C LYS B 44 34.12 4.08 -11.24
N VAL B 45 33.37 3.54 -10.29
CA VAL B 45 33.93 2.87 -9.11
C VAL B 45 33.27 1.50 -8.99
N ALA B 46 34.08 0.47 -8.73
CA ALA B 46 33.61 -0.90 -8.70
C ALA B 46 32.84 -1.20 -7.41
N MET B 47 31.97 -2.21 -7.47
CA MET B 47 31.04 -2.49 -6.39
C MET B 47 30.64 -3.96 -6.40
N PRO B 48 30.41 -4.56 -5.23
CA PRO B 48 30.22 -6.01 -5.16
C PRO B 48 28.86 -6.46 -5.69
N VAL B 49 28.84 -7.67 -6.27
CA VAL B 49 27.62 -8.18 -6.87
C VAL B 49 26.52 -8.37 -5.83
N GLU B 50 26.89 -8.45 -4.56
CA GLU B 50 25.89 -8.65 -3.52
C GLU B 50 24.89 -7.51 -3.45
N LEU B 51 25.27 -6.31 -3.90
CA LEU B 51 24.37 -5.16 -3.92
C LEU B 51 23.49 -5.09 -5.17
N ASN B 52 23.68 -5.99 -6.12
CA ASN B 52 22.92 -5.93 -7.35
C ASN B 52 21.59 -6.65 -7.20
N GLU B 53 20.59 -6.18 -7.97
CA GLU B 53 19.43 -7.01 -8.31
C GLU B 53 19.69 -7.70 -9.64
N PRO B 54 19.03 -8.85 -9.89
CA PRO B 54 19.31 -9.58 -11.15
C PRO B 54 18.67 -8.93 -12.37
N LEU B 55 18.74 -7.60 -12.49
CA LEU B 55 18.16 -6.86 -13.60
C LEU B 55 19.09 -5.72 -13.99
N ASN B 56 19.09 -5.33 -15.27
CA ASN B 56 19.98 -4.25 -15.69
C ASN B 56 19.17 -3.04 -16.13
N THR B 57 19.88 -1.99 -16.55
CA THR B 57 19.16 -0.77 -16.82
C THR B 57 18.27 -0.92 -18.06
N LEU B 58 18.61 -1.85 -18.97
CA LEU B 58 17.77 -2.06 -20.15
C LEU B 58 16.42 -2.59 -19.72
N GLN B 59 16.46 -3.56 -18.80
CA GLN B 59 15.25 -4.12 -18.23
C GLN B 59 14.48 -3.09 -17.38
N ARG B 60 15.17 -2.21 -16.68
CA ARG B 60 14.43 -1.22 -15.91
C ARG B 60 13.64 -0.30 -16.83
N LEU B 61 14.25 0.06 -17.97
CA LEU B 61 13.50 0.80 -18.99
C LEU B 61 12.25 0.04 -19.39
N CYS B 62 12.39 -1.27 -19.62
CA CYS B 62 11.22 -2.03 -20.05
C CYS B 62 10.16 -1.99 -18.97
N GLU B 63 10.60 -2.01 -17.72
CA GLU B 63 9.69 -1.90 -16.58
C GLU B 63 8.85 -0.64 -16.70
N GLU B 64 9.36 0.40 -17.35
CA GLU B 64 8.41 1.52 -17.48
C GLU B 64 7.18 1.22 -18.35
N LEU B 65 7.02 0.02 -18.87
CA LEU B 65 5.83 -0.27 -19.65
C LEU B 65 4.80 -1.07 -18.85
N GLU B 66 5.00 -1.20 -17.53
CA GLU B 66 4.14 -2.10 -16.76
C GLU B 66 2.68 -1.78 -16.98
N TYR B 67 2.37 -0.50 -17.09
CA TYR B 67 1.00 -0.01 -17.21
C TYR B 67 0.74 0.53 -18.62
N SER B 68 1.29 -0.16 -19.63
CA SER B 68 1.15 0.31 -21.01
C SER B 68 -0.31 0.39 -21.41
N GLU B 69 -1.19 -0.34 -20.71
CA GLU B 69 -2.61 -0.28 -20.98
C GLU B 69 -3.15 1.14 -20.86
N LEU B 70 -2.49 2.01 -20.10
CA LEU B 70 -2.91 3.40 -20.06
C LEU B 70 -2.83 4.05 -21.43
N LEU B 71 -1.75 3.75 -22.19
CA LEU B 71 -1.64 4.21 -23.57
C LEU B 71 -2.72 3.57 -24.45
N ASP B 72 -3.04 2.29 -24.22
CA ASP B 72 -4.18 1.75 -24.95
C ASP B 72 -5.42 2.59 -24.65
N LYS B 73 -5.63 2.93 -23.37
CA LYS B 73 -6.79 3.74 -23.02
C LYS B 73 -6.71 5.06 -23.75
N ALA B 74 -5.54 5.68 -23.75
CA ALA B 74 -5.45 7.02 -24.30
C ALA B 74 -5.67 6.99 -25.80
N ALA B 75 -5.36 5.87 -26.46
CA ALA B 75 -5.54 5.79 -27.90
C ALA B 75 -7.01 5.82 -28.31
N GLN B 76 -7.95 5.75 -27.37
CA GLN B 76 -9.36 5.69 -27.71
C GLN B 76 -10.13 6.82 -27.06
N ILE B 77 -9.45 7.89 -26.72
CA ILE B 77 -10.08 9.05 -26.11
C ILE B 77 -10.01 10.19 -27.12
N PRO B 78 -11.12 10.53 -27.76
CA PRO B 78 -11.04 11.58 -28.78
C PRO B 78 -10.59 12.92 -28.22
N SER B 79 -10.89 13.24 -26.98
CA SER B 79 -10.51 14.56 -26.47
C SER B 79 -8.99 14.60 -26.28
N PRO B 80 -8.29 15.55 -26.89
CA PRO B 80 -6.84 15.63 -26.64
C PRO B 80 -6.49 15.95 -25.20
N LEU B 81 -7.32 16.69 -24.47
CA LEU B 81 -6.91 17.02 -23.10
C LEU B 81 -7.07 15.82 -22.15
N GLU B 82 -8.18 15.08 -22.24
CA GLU B 82 -8.26 13.81 -21.52
C GLU B 82 -7.12 12.88 -21.91
N ARG B 83 -6.75 12.87 -23.20
CA ARG B 83 -5.64 12.02 -23.58
C ARG B 83 -4.40 12.41 -22.82
N MET B 84 -4.14 13.72 -22.73
CA MET B 84 -2.97 14.19 -22.02
C MET B 84 -3.00 13.74 -20.57
N VAL B 85 -4.19 13.77 -19.96
CA VAL B 85 -4.32 13.24 -18.61
C VAL B 85 -3.85 11.80 -18.55
N TYR B 86 -4.26 10.98 -19.52
CA TYR B 86 -3.84 9.58 -19.41
C TYR B 86 -2.35 9.39 -19.72
N VAL B 87 -1.80 10.19 -20.64
CA VAL B 87 -0.38 10.12 -20.93
C VAL B 87 0.40 10.56 -19.71
N ALA B 88 -0.11 11.55 -18.99
CA ALA B 88 0.54 12.01 -17.77
C ALA B 88 0.53 10.91 -16.73
N ALA B 89 -0.59 10.18 -16.65
CA ALA B 89 -0.62 9.07 -15.70
C ALA B 89 0.44 8.04 -16.06
N PHE B 90 0.56 7.71 -17.35
CA PHE B 90 1.60 6.76 -17.77
C PHE B 90 2.98 7.24 -17.34
N ALA B 91 3.24 8.54 -17.58
CA ALA B 91 4.53 9.13 -17.20
C ALA B 91 4.79 8.94 -15.71
N ILE B 92 3.81 9.29 -14.87
CA ILE B 92 3.95 9.13 -13.42
C ILE B 92 4.14 7.66 -13.05
N SER B 93 3.39 6.77 -13.70
CA SER B 93 3.47 5.36 -13.34
C SER B 93 4.86 4.81 -13.58
N ALA B 94 5.67 5.48 -14.38
CA ALA B 94 7.03 4.96 -14.54
C ALA B 94 7.76 4.85 -13.21
N TYR B 95 7.39 5.63 -12.21
CA TYR B 95 8.12 5.65 -10.95
C TYR B 95 7.62 4.64 -9.90
N ALA B 96 6.39 4.15 -10.02
CA ALA B 96 5.79 3.36 -8.95
C ALA B 96 6.69 2.21 -8.49
N SER B 97 7.27 1.46 -9.40
CA SER B 97 7.92 0.27 -8.88
C SER B 97 9.21 0.58 -8.11
N SER B 98 9.73 1.82 -8.15
CA SER B 98 11.00 2.05 -7.47
C SER B 98 10.83 2.14 -5.95
N TYR B 99 9.60 2.27 -5.48
CA TYR B 99 9.33 2.56 -4.07
C TYR B 99 9.92 1.49 -3.15
N TYR B 100 9.89 0.23 -3.56
CA TYR B 100 10.36 -0.88 -2.73
C TYR B 100 11.76 -1.32 -3.09
N ARG B 101 12.50 -0.55 -3.89
CA ARG B 101 13.69 -1.15 -4.48
C ARG B 101 14.97 -0.38 -4.23
N ALA B 102 14.97 0.57 -3.29
CA ALA B 102 16.17 1.33 -2.98
C ALA B 102 17.29 0.51 -2.38
N GLY B 103 17.08 -0.78 -2.06
CA GLY B 103 18.15 -1.58 -1.51
C GLY B 103 19.17 -2.13 -2.49
N SER B 104 19.02 -1.86 -3.78
CA SER B 104 19.81 -2.58 -4.76
C SER B 104 20.04 -1.70 -6.00
N LYS B 105 21.20 -1.95 -6.65
CA LYS B 105 21.73 -1.39 -7.89
C LYS B 105 21.45 -2.34 -9.03
N PRO B 106 20.87 -1.90 -10.14
CA PRO B 106 20.81 -2.75 -11.33
C PRO B 106 22.19 -2.94 -11.95
N PHE B 107 22.34 -4.06 -12.65
CA PHE B 107 23.58 -4.26 -13.39
C PHE B 107 23.78 -3.17 -14.42
N ASN B 108 25.01 -2.73 -14.55
CA ASN B 108 25.40 -1.86 -15.63
C ASN B 108 25.58 -2.74 -16.86
N PRO B 109 24.83 -2.53 -17.95
CA PRO B 109 25.01 -3.39 -19.11
C PRO B 109 26.32 -3.12 -19.80
N VAL B 110 26.81 -4.16 -20.47
CA VAL B 110 28.01 -4.06 -21.30
C VAL B 110 27.70 -3.34 -22.62
N LEU B 111 28.66 -2.54 -23.09
CA LEU B 111 28.54 -1.92 -24.40
C LEU B 111 28.24 -2.97 -25.45
N GLY B 112 27.11 -2.83 -26.13
CA GLY B 112 26.67 -3.83 -27.09
C GLY B 112 25.59 -4.75 -26.58
N GLU B 113 25.29 -4.71 -25.29
CA GLU B 113 24.28 -5.61 -24.76
C GLU B 113 22.90 -5.17 -25.24
N THR B 114 22.05 -6.15 -25.48
CA THR B 114 20.67 -5.90 -25.85
C THR B 114 19.74 -6.57 -24.84
N TYR B 115 18.49 -6.10 -24.82
CA TYR B 115 17.44 -6.87 -24.18
C TYR B 115 16.12 -6.62 -24.89
N GLU B 116 15.27 -7.65 -24.94
CA GLU B 116 13.92 -7.56 -25.52
C GLU B 116 12.90 -8.24 -24.59
N CYS B 117 11.62 -7.83 -24.64
CA CYS B 117 10.53 -8.75 -24.22
C CYS B 117 9.46 -8.51 -25.30
N ILE B 118 9.09 -9.57 -26.00
CA ILE B 118 8.01 -9.54 -26.99
C ILE B 118 6.79 -10.13 -26.31
N ARG B 119 5.82 -9.29 -25.97
CA ARG B 119 4.80 -9.61 -24.98
C ARG B 119 3.42 -9.58 -25.65
N GLU B 120 2.87 -10.80 -25.83
CA GLU B 120 1.61 -11.00 -26.52
C GLU B 120 0.42 -10.39 -25.78
N ASP B 121 0.35 -10.59 -24.45
CA ASP B 121 -0.82 -10.17 -23.69
C ASP B 121 -0.91 -8.65 -23.58
N LYS B 122 0.20 -7.96 -23.33
CA LYS B 122 0.20 -6.49 -23.30
C LYS B 122 0.43 -5.88 -24.68
N GLY B 123 0.45 -6.72 -25.71
CA GLY B 123 0.56 -6.23 -27.08
C GLY B 123 1.72 -5.28 -27.33
N PHE B 124 2.92 -5.53 -26.77
CA PHE B 124 4.04 -4.72 -27.22
C PHE B 124 5.26 -5.56 -27.56
N GLN B 125 6.15 -4.94 -28.33
CA GLN B 125 7.41 -5.55 -28.77
C GLN B 125 8.51 -4.58 -28.35
N PHE B 126 9.26 -4.92 -27.30
CA PHE B 126 10.25 -4.04 -26.70
C PHE B 126 11.63 -4.59 -26.99
N PHE B 127 12.55 -3.71 -27.43
CA PHE B 127 13.97 -4.04 -27.54
C PHE B 127 14.80 -2.82 -27.14
N SER B 128 16.08 -3.07 -26.89
CA SER B 128 16.92 -2.07 -26.27
C SER B 128 18.39 -2.43 -26.44
N GLU B 129 19.23 -1.39 -26.39
CA GLU B 129 20.65 -1.55 -26.59
C GLU B 129 21.43 -0.60 -25.70
N GLN B 130 22.48 -1.12 -25.08
CA GLN B 130 23.48 -0.30 -24.39
C GLN B 130 24.37 0.29 -25.45
N VAL B 131 24.16 1.57 -25.77
CA VAL B 131 24.77 2.18 -26.93
C VAL B 131 26.04 2.95 -26.61
N SER B 132 26.33 3.21 -25.33
CA SER B 132 27.58 3.82 -24.92
C SER B 132 27.89 3.41 -23.50
N HIS B 133 29.18 3.34 -23.17
CA HIS B 133 29.64 2.95 -21.86
C HIS B 133 30.42 4.03 -21.14
N HIS B 134 31.18 4.83 -21.87
CA HIS B 134 31.83 6.01 -21.32
C HIS B 134 31.29 7.15 -22.16
N PRO B 135 30.18 7.76 -21.77
CA PRO B 135 29.30 7.46 -20.61
C PRO B 135 28.27 6.35 -20.83
N PRO B 136 27.81 5.69 -19.77
CA PRO B 136 26.75 4.68 -19.93
C PRO B 136 25.49 5.31 -20.50
N ILE B 137 25.06 4.85 -21.67
CA ILE B 137 23.82 5.33 -22.28
C ILE B 137 22.98 4.13 -22.71
N SER B 138 21.75 4.04 -22.20
CA SER B 138 20.82 2.98 -22.59
C SER B 138 19.74 3.51 -23.54
N ALA B 139 19.40 2.73 -24.57
CA ALA B 139 18.38 3.16 -25.54
C ALA B 139 17.34 2.08 -25.70
N CYS B 140 16.09 2.49 -25.96
CA CYS B 140 15.06 1.47 -26.13
C CYS B 140 13.94 1.98 -27.00
N HIS B 141 13.18 1.01 -27.53
CA HIS B 141 12.10 1.20 -28.49
C HIS B 141 11.04 0.11 -28.29
N ALA B 142 9.78 0.52 -28.12
CA ALA B 142 8.68 -0.43 -28.04
C ALA B 142 7.60 -0.06 -29.06
N GLU B 143 7.17 -1.08 -29.81
CA GLU B 143 6.09 -1.00 -30.81
C GLU B 143 4.81 -1.64 -30.27
N SER B 144 3.66 -1.05 -30.64
CA SER B 144 2.32 -1.55 -30.34
C SER B 144 1.32 -1.03 -31.39
N ARG B 145 0.19 -1.72 -31.54
CA ARG B 145 -0.80 -1.23 -32.51
C ARG B 145 -1.29 0.16 -32.14
N ASN B 146 -1.32 0.50 -30.83
CA ASN B 146 -1.89 1.79 -30.41
C ASN B 146 -0.85 2.84 -30.07
N PHE B 147 0.44 2.49 -29.99
CA PHE B 147 1.43 3.48 -29.59
C PHE B 147 2.84 3.04 -29.96
N VAL B 148 3.74 4.01 -29.98
CA VAL B 148 5.16 3.74 -30.01
C VAL B 148 5.79 4.49 -28.85
N PHE B 149 6.69 3.81 -28.14
CA PHE B 149 7.30 4.34 -26.94
C PHE B 149 8.79 4.24 -27.15
N TRP B 150 9.52 5.31 -26.89
CA TRP B 150 10.96 5.10 -26.97
C TRP B 150 11.71 6.17 -26.20
N GLN B 151 12.94 5.84 -25.82
CA GLN B 151 13.77 6.84 -25.15
C GLN B 151 15.22 6.42 -25.15
N ASP B 152 15.99 7.23 -24.48
CA ASP B 152 17.44 7.30 -24.55
C ASP B 152 17.81 7.94 -23.24
N VAL B 153 18.42 7.18 -22.33
CA VAL B 153 18.62 7.68 -20.98
C VAL B 153 20.04 7.40 -20.53
N ARG B 154 20.61 8.39 -19.85
CA ARG B 154 21.89 8.27 -19.16
C ARG B 154 21.71 8.71 -17.71
N TRP B 155 22.39 8.03 -16.77
CA TRP B 155 22.19 8.24 -15.34
C TRP B 155 23.46 8.66 -14.66
N LYS B 156 23.45 9.87 -14.09
CA LYS B 156 24.55 10.35 -13.24
C LYS B 156 24.22 10.04 -11.77
N ASN B 157 25.14 9.41 -11.06
CA ASN B 157 25.00 9.16 -9.63
C ASN B 157 26.09 9.95 -8.90
N LYS B 158 25.68 10.83 -7.97
CA LYS B 158 26.59 11.57 -7.10
C LYS B 158 26.26 11.23 -5.66
N PHE B 159 27.23 10.66 -4.95
CA PHE B 159 27.07 10.32 -3.54
C PHE B 159 27.30 11.54 -2.66
N TRP B 160 26.47 11.67 -1.63
CA TRP B 160 26.72 12.68 -0.59
C TRP B 160 26.69 11.93 0.74
N GLY B 161 26.78 12.62 1.86
CA GLY B 161 26.80 11.81 3.06
C GLY B 161 25.44 11.23 3.40
N LYS B 162 25.31 9.90 3.39
CA LYS B 162 24.10 9.17 3.77
C LYS B 162 22.98 9.16 2.70
N SER B 163 23.10 9.89 1.60
CA SER B 163 22.13 9.73 0.53
C SER B 163 22.81 9.84 -0.84
N MET B 164 22.18 9.27 -1.86
CA MET B 164 22.74 9.27 -3.21
C MET B 164 21.79 9.99 -4.17
N GLU B 165 22.31 10.92 -4.95
CA GLU B 165 21.51 11.67 -5.91
C GLU B 165 21.64 11.04 -7.29
N ILE B 166 20.51 10.86 -7.96
CA ILE B 166 20.42 10.27 -9.28
C ILE B 166 19.82 11.34 -10.19
N VAL B 167 20.57 11.68 -11.23
CA VAL B 167 20.18 12.71 -12.19
C VAL B 167 20.09 12.07 -13.56
N PRO B 168 18.90 11.94 -14.12
CA PRO B 168 18.77 11.40 -15.48
C PRO B 168 18.91 12.49 -16.53
N ILE B 169 19.53 12.14 -17.65
CA ILE B 169 19.53 12.90 -18.89
C ILE B 169 18.87 12.06 -19.97
N GLY B 170 18.01 12.68 -20.77
CA GLY B 170 17.32 11.97 -21.84
C GLY B 170 15.84 12.22 -21.74
N THR B 171 15.17 12.29 -22.89
CA THR B 171 13.74 12.54 -22.84
C THR B 171 13.02 11.29 -23.33
N THR B 172 11.74 11.19 -22.97
CA THR B 172 10.89 10.04 -23.26
C THR B 172 9.85 10.43 -24.32
N HIS B 173 9.47 9.48 -25.17
CA HIS B 173 8.57 9.77 -26.28
C HIS B 173 7.46 8.75 -26.35
N VAL B 174 6.23 9.20 -26.64
CA VAL B 174 5.14 8.32 -27.00
C VAL B 174 4.35 8.92 -28.18
N THR B 175 4.29 8.18 -29.28
CA THR B 175 3.37 8.54 -30.34
C THR B 175 2.11 7.71 -30.16
N LEU B 176 0.99 8.33 -30.49
CA LEU B 176 -0.27 7.62 -30.64
C LEU B 176 -0.68 7.86 -32.07
N PRO B 177 -0.40 6.89 -32.95
CA PRO B 177 -0.57 7.09 -34.40
C PRO B 177 -1.96 7.47 -34.82
N VAL B 178 -2.98 6.84 -34.24
CA VAL B 178 -4.35 7.12 -34.69
C VAL B 178 -4.70 8.60 -34.62
N PHE B 179 -4.14 9.35 -33.67
CA PHE B 179 -4.40 10.80 -33.59
C PHE B 179 -3.22 11.64 -34.05
N GLY B 180 -2.11 11.03 -34.45
CA GLY B 180 -0.92 11.81 -34.77
C GLY B 180 -0.23 12.44 -33.57
N ASP B 181 -0.50 11.95 -32.37
CA ASP B 181 0.15 12.52 -31.20
C ASP B 181 1.62 12.14 -31.15
N HIS B 182 2.46 13.10 -30.77
CA HIS B 182 3.85 12.84 -30.38
C HIS B 182 4.12 13.55 -29.05
N PHE B 183 4.05 12.80 -27.94
CA PHE B 183 4.32 13.30 -26.59
C PHE B 183 5.79 13.11 -26.22
N GLU B 184 6.36 14.15 -25.62
CA GLU B 184 7.75 14.18 -25.19
C GLU B 184 7.77 14.70 -23.77
N TRP B 185 8.57 14.10 -22.90
CA TRP B 185 8.73 14.67 -21.54
C TRP B 185 10.06 14.27 -20.93
N ASN B 186 10.38 14.89 -19.80
CA ASN B 186 11.66 14.72 -19.11
C ASN B 186 11.52 13.80 -17.90
N LYS B 187 12.68 13.37 -17.42
CA LYS B 187 12.78 12.67 -16.16
C LYS B 187 13.04 13.67 -15.03
N VAL B 188 12.87 13.17 -13.83
CA VAL B 188 12.94 13.91 -12.59
C VAL B 188 14.10 13.39 -11.77
N THR B 189 14.58 14.22 -10.84
CA THR B 189 15.71 13.82 -10.02
C THR B 189 15.24 12.83 -8.97
N SER B 190 16.12 11.93 -8.59
CA SER B 190 15.81 11.05 -7.45
C SER B 190 16.89 11.20 -6.39
N CYS B 191 16.53 10.86 -5.15
CA CYS B 191 17.54 10.69 -4.11
C CYS B 191 17.19 9.44 -3.30
N ILE B 192 18.20 8.65 -2.97
CA ILE B 192 18.04 7.52 -2.06
C ILE B 192 18.62 7.92 -0.70
N HIS B 193 17.75 7.97 0.31
CA HIS B 193 18.08 8.31 1.69
C HIS B 193 18.42 7.09 2.53
N ASN B 194 19.35 7.32 3.47
CA ASN B 194 19.75 6.35 4.48
C ASN B 194 20.55 5.20 3.87
N ILE B 195 21.50 5.54 3.00
CA ILE B 195 22.64 4.67 2.81
C ILE B 195 23.47 4.63 4.10
N LEU B 196 24.32 3.60 4.22
CA LEU B 196 25.28 3.43 5.32
C LEU B 196 24.62 3.28 6.69
N SER B 197 23.29 3.36 6.76
CA SER B 197 22.54 3.14 7.99
C SER B 197 21.05 3.19 7.72
N GLY B 198 20.27 2.43 8.47
CA GLY B 198 18.83 2.45 8.31
C GLY B 198 18.37 1.56 7.17
N GLN B 199 17.06 1.52 7.00
CA GLN B 199 16.48 0.99 5.79
C GLN B 199 16.39 2.12 4.78
N ARG B 200 17.00 1.92 3.60
CA ARG B 200 16.98 2.93 2.56
C ARG B 200 15.54 3.22 2.17
N TRP B 201 15.28 4.48 1.84
CA TRP B 201 14.07 4.79 1.10
C TRP B 201 14.46 5.73 -0.02
N ILE B 202 13.61 5.80 -1.05
CA ILE B 202 13.90 6.64 -2.20
C ILE B 202 12.76 7.62 -2.33
N GLU B 203 13.10 8.86 -2.71
CA GLU B 203 12.07 9.82 -3.11
C GLU B 203 12.42 10.47 -4.46
N HIS B 204 11.38 10.91 -5.17
CA HIS B 204 11.49 11.55 -6.48
C HIS B 204 11.01 12.99 -6.39
N TYR B 205 11.79 13.91 -6.95
CA TYR B 205 11.46 15.32 -6.84
C TYR B 205 11.80 16.05 -8.12
N GLY B 206 10.92 17.00 -8.48
CA GLY B 206 11.14 17.81 -9.65
C GLY B 206 9.86 18.04 -10.45
N GLU B 207 10.01 18.61 -11.64
CA GLU B 207 8.86 18.88 -12.51
C GLU B 207 8.93 18.06 -13.79
N ILE B 208 7.82 17.45 -14.16
CA ILE B 208 7.67 16.83 -15.47
C ILE B 208 6.88 17.79 -16.33
N VAL B 209 7.38 18.09 -17.52
CA VAL B 209 6.63 18.86 -18.52
C VAL B 209 6.38 17.95 -19.72
N ILE B 210 5.12 17.79 -20.07
CA ILE B 210 4.67 16.97 -21.20
C ILE B 210 4.12 17.90 -22.29
N LYS B 211 4.71 17.82 -23.48
CA LYS B 211 4.23 18.53 -24.65
C LYS B 211 3.83 17.52 -25.70
N ASN B 212 2.73 17.79 -26.39
CA ASN B 212 2.39 17.07 -27.62
C ASN B 212 3.01 17.85 -28.77
N LEU B 213 4.06 17.29 -29.36
CA LEU B 213 4.81 18.02 -30.37
C LEU B 213 3.98 18.38 -31.60
N HIS B 214 2.85 17.71 -31.81
CA HIS B 214 2.03 18.01 -32.99
C HIS B 214 0.71 18.69 -32.65
N ASP B 215 0.57 19.22 -31.44
CA ASP B 215 -0.64 19.91 -31.04
C ASP B 215 -0.33 20.71 -29.80
N ASP B 216 -0.41 22.03 -29.90
CA ASP B 216 -0.03 22.91 -28.82
C ASP B 216 -1.26 23.43 -28.05
N SER B 217 -2.41 22.81 -28.25
CA SER B 217 -3.60 23.24 -27.51
C SER B 217 -3.62 22.71 -26.08
N CYS B 218 -2.63 21.90 -25.72
CA CYS B 218 -2.54 21.20 -24.44
C CYS B 218 -1.06 21.10 -24.06
N TYR B 219 -0.78 21.34 -22.77
CA TYR B 219 0.47 20.88 -22.18
C TYR B 219 0.23 20.51 -20.73
N CYS B 220 1.18 19.77 -20.14
CA CYS B 220 0.99 19.23 -18.81
C CYS B 220 2.23 19.44 -17.93
N LYS B 221 2.01 19.89 -16.70
CA LYS B 221 3.08 19.94 -15.70
C LYS B 221 2.71 19.06 -14.51
N VAL B 222 3.65 18.24 -14.06
CA VAL B 222 3.42 17.36 -12.91
C VAL B 222 4.56 17.60 -11.94
N ASN B 223 4.25 18.14 -10.76
CA ASN B 223 5.28 18.34 -9.74
C ASN B 223 5.26 17.16 -8.77
N PHE B 224 6.42 16.50 -8.70
CA PHE B 224 6.77 15.51 -7.67
C PHE B 224 7.32 16.28 -6.48
N ILE B 225 6.51 16.38 -5.41
CA ILE B 225 6.96 17.00 -4.17
C ILE B 225 8.05 16.17 -3.46
N LYS B 226 9.15 16.83 -3.13
CA LYS B 226 10.10 16.43 -2.08
C LYS B 226 9.63 16.99 -0.73
N ALA B 227 8.89 16.19 0.03
CA ALA B 227 8.41 16.59 1.36
C ALA B 227 9.33 15.99 2.44
N LYS B 228 8.85 15.99 3.69
CA LYS B 228 9.34 15.10 4.73
C LYS B 228 8.41 13.89 4.76
N TYR B 229 8.98 12.71 5.05
CA TYR B 229 8.25 11.45 4.90
C TYR B 229 7.09 11.32 5.89
N TRP B 230 7.20 12.01 7.01
CA TRP B 230 6.21 12.03 8.06
C TRP B 230 4.96 12.85 7.77
N SER B 231 4.98 13.69 6.74
CA SER B 231 3.77 14.40 6.32
C SER B 231 2.72 13.43 5.79
N THR B 232 1.42 13.71 6.10
CA THR B 232 0.40 12.82 5.52
C THR B 232 0.20 13.07 4.00
N ASN B 233 1.04 13.87 3.34
CA ASN B 233 1.08 13.91 1.88
C ASN B 233 2.52 13.71 1.39
N ALA B 234 3.24 12.75 1.99
CA ALA B 234 4.54 12.35 1.45
C ALA B 234 4.38 11.47 0.22
N HIS B 235 5.38 11.54 -0.68
CA HIS B 235 5.36 10.85 -1.97
C HIS B 235 4.21 11.35 -2.86
N GLU B 236 3.80 12.59 -2.66
CA GLU B 236 2.65 13.13 -3.36
C GLU B 236 3.08 13.78 -4.68
N ILE B 237 2.16 13.75 -5.65
CA ILE B 237 2.28 14.54 -6.87
C ILE B 237 1.03 15.38 -7.05
N GLU B 238 1.25 16.57 -7.63
CA GLU B 238 0.24 17.51 -8.10
C GLU B 238 0.36 17.72 -9.61
N GLY B 239 -0.75 17.73 -10.32
CA GLY B 239 -0.62 17.80 -11.76
C GLY B 239 -1.65 18.65 -12.47
N THR B 240 -1.28 19.28 -13.56
CA THR B 240 -2.22 20.17 -14.23
C THR B 240 -2.06 20.02 -15.74
N VAL B 241 -3.18 19.84 -16.41
CA VAL B 241 -3.28 19.94 -17.86
C VAL B 241 -3.87 21.30 -18.15
N PHE B 242 -3.07 22.12 -18.83
CA PHE B 242 -3.41 23.47 -19.28
C PHE B 242 -3.73 23.47 -20.77
N ASP B 243 -4.67 24.35 -21.15
CA ASP B 243 -4.88 24.66 -22.55
C ASP B 243 -3.84 25.69 -22.99
N ARG B 244 -3.91 26.11 -24.25
CA ARG B 244 -2.87 27.00 -24.73
C ARG B 244 -2.84 28.34 -23.99
N SER B 245 -3.96 28.73 -23.38
CA SER B 245 -4.05 30.03 -22.73
C SER B 245 -3.23 30.08 -21.44
N GLY B 246 -3.12 28.94 -20.75
CA GLY B 246 -2.66 28.88 -19.37
C GLY B 246 -3.75 28.56 -18.39
N LYS B 247 -5.02 28.49 -18.84
CA LYS B 247 -6.11 28.07 -17.99
C LYS B 247 -5.96 26.60 -17.66
N ALA B 248 -5.98 26.27 -16.37
CA ALA B 248 -6.00 24.87 -15.99
C ALA B 248 -7.32 24.24 -16.43
N VAL B 249 -7.26 23.00 -16.95
CA VAL B 249 -8.52 22.32 -17.28
C VAL B 249 -8.60 20.94 -16.65
N HIS B 250 -7.48 20.29 -16.37
CA HIS B 250 -7.61 19.06 -15.59
C HIS B 250 -6.55 19.04 -14.50
N ARG B 251 -6.97 18.75 -13.28
CA ARG B 251 -6.05 18.55 -12.17
C ARG B 251 -5.86 17.06 -11.94
N LEU B 252 -4.62 16.66 -11.67
CA LEU B 252 -4.21 15.31 -11.36
C LEU B 252 -3.75 15.29 -9.91
N PHE B 253 -4.12 14.25 -9.18
CA PHE B 253 -3.82 14.34 -7.75
C PHE B 253 -3.45 12.96 -7.22
N GLY B 254 -2.46 12.88 -6.31
CA GLY B 254 -2.33 11.61 -5.58
C GLY B 254 -0.89 11.32 -5.20
N LYS B 255 -0.55 10.03 -5.09
CA LYS B 255 0.80 9.61 -4.75
C LYS B 255 1.37 8.61 -5.78
N TRP B 256 2.64 8.82 -6.16
CA TRP B 256 3.24 8.15 -7.32
C TRP B 256 3.46 6.66 -7.13
N HIS B 257 3.29 6.12 -5.93
CA HIS B 257 3.35 4.68 -5.81
C HIS B 257 2.02 4.04 -5.47
N GLU B 258 0.94 4.81 -5.24
CA GLU B 258 -0.35 4.15 -5.02
C GLU B 258 -1.46 4.59 -5.97
N SER B 259 -1.77 5.88 -6.07
CA SER B 259 -2.96 6.21 -6.85
C SER B 259 -2.89 7.61 -7.38
N ILE B 260 -3.51 7.79 -8.56
CA ILE B 260 -3.67 9.09 -9.23
C ILE B 260 -5.15 9.30 -9.56
N TYR B 261 -5.56 10.58 -9.63
CA TYR B 261 -6.95 10.96 -9.86
C TYR B 261 -7.06 12.07 -10.90
N CYS B 262 -7.96 11.89 -11.90
CA CYS B 262 -8.46 12.88 -12.87
C CYS B 262 -9.40 13.78 -12.08
N GLY B 263 -8.88 14.90 -11.55
CA GLY B 263 -9.73 15.83 -10.84
C GLY B 263 -10.34 16.86 -11.77
N GLY B 264 -10.18 18.15 -11.45
CA GLY B 264 -10.63 19.23 -12.32
C GLY B 264 -11.93 19.91 -11.90
N GLY B 265 -13.01 19.65 -12.66
CA GLY B 265 -14.32 20.26 -12.42
C GLY B 265 -15.31 19.50 -11.55
N SER B 266 -15.09 19.44 -10.23
CA SER B 266 -16.09 18.97 -9.26
C SER B 266 -16.60 17.55 -9.57
N SER B 267 -15.75 16.74 -10.21
CA SER B 267 -15.88 15.29 -10.19
C SER B 267 -14.47 14.72 -10.03
N SER B 268 -14.39 13.53 -9.47
CA SER B 268 -13.11 12.88 -9.26
C SER B 268 -13.22 11.41 -9.64
N ALA B 269 -12.18 10.90 -10.29
CA ALA B 269 -12.10 9.50 -10.67
C ALA B 269 -10.67 9.02 -10.49
N CYS B 270 -10.51 7.73 -10.26
CA CYS B 270 -9.19 7.14 -10.21
C CYS B 270 -8.77 6.74 -11.62
N VAL B 271 -7.68 7.32 -12.11
CA VAL B 271 -7.19 6.96 -13.43
C VAL B 271 -6.11 5.87 -13.39
N TRP B 272 -5.47 5.68 -12.24
CA TRP B 272 -4.36 4.74 -12.15
C TRP B 272 -4.16 4.36 -10.69
N ARG B 273 -3.82 3.08 -10.48
CA ARG B 273 -3.44 2.54 -9.19
C ARG B 273 -2.36 1.52 -9.43
N ALA B 274 -1.44 1.39 -8.48
CA ALA B 274 -0.35 0.44 -8.61
C ALA B 274 -0.84 -0.99 -8.43
N ASN B 275 -0.28 -1.91 -9.21
CA ASN B 275 -0.57 -3.32 -9.02
C ASN B 275 -0.06 -3.79 -7.67
N PRO B 276 -0.74 -4.74 -7.04
CA PRO B 276 -0.24 -5.27 -5.78
C PRO B 276 1.02 -6.08 -6.02
N MET B 277 1.94 -6.01 -5.06
CA MET B 277 3.13 -6.84 -5.10
C MET B 277 2.75 -8.30 -4.89
N PRO B 278 3.55 -9.23 -5.39
CA PRO B 278 3.32 -10.66 -5.06
C PRO B 278 3.52 -10.90 -3.57
N LYS B 279 2.87 -11.95 -3.08
CA LYS B 279 2.99 -12.29 -1.66
C LYS B 279 4.44 -12.67 -1.35
N GLY B 280 4.98 -12.08 -0.30
CA GLY B 280 6.36 -12.35 0.01
C GLY B 280 7.30 -11.81 -1.04
N TYR B 281 7.06 -10.58 -1.46
CA TYR B 281 7.90 -9.97 -2.49
C TYR B 281 9.30 -9.66 -1.98
N GLU B 282 9.46 -9.29 -0.70
CA GLU B 282 10.80 -9.07 -0.15
C GLU B 282 11.70 -10.27 -0.34
N GLN B 283 11.10 -11.44 -0.58
CA GLN B 283 11.86 -12.66 -0.85
C GLN B 283 12.75 -12.50 -2.08
N TYR B 284 12.21 -11.95 -3.17
CA TYR B 284 12.99 -11.80 -4.42
C TYR B 284 13.15 -10.32 -4.72
N TYR B 285 14.10 -9.69 -4.05
CA TYR B 285 14.52 -8.33 -4.32
C TYR B 285 13.37 -7.32 -4.28
N SER B 286 12.20 -7.73 -3.85
CA SER B 286 11.01 -6.88 -3.90
C SER B 286 10.62 -6.55 -5.34
N PHE B 287 10.86 -7.48 -6.26
CA PHE B 287 10.36 -7.32 -7.61
C PHE B 287 8.82 -7.34 -7.66
N THR B 288 8.25 -6.47 -8.48
CA THR B 288 6.90 -6.67 -8.97
C THR B 288 6.81 -7.96 -9.80
N GLN B 289 5.58 -8.38 -10.09
CA GLN B 289 5.37 -9.54 -10.96
C GLN B 289 6.01 -9.33 -12.32
N PHE B 290 5.77 -8.16 -12.91
CA PHE B 290 6.43 -7.74 -14.13
C PHE B 290 7.93 -8.01 -14.05
N ALA B 291 8.57 -7.39 -13.05
CA ALA B 291 10.02 -7.46 -12.96
C ALA B 291 10.50 -8.90 -12.90
N LEU B 292 9.79 -9.74 -12.14
CA LEU B 292 10.12 -11.14 -12.07
C LEU B 292 10.02 -11.82 -13.42
N GLU B 293 9.17 -11.31 -14.31
CA GLU B 293 9.13 -11.92 -15.62
C GLU B 293 10.24 -11.43 -16.54
N LEU B 294 10.76 -10.23 -16.31
CA LEU B 294 11.65 -9.64 -17.32
C LEU B 294 12.81 -10.55 -17.73
N ASN B 295 13.43 -11.29 -16.80
CA ASN B 295 14.65 -12.04 -17.14
C ASN B 295 14.43 -13.52 -17.36
N GLU B 296 13.20 -13.99 -17.31
CA GLU B 296 12.93 -15.41 -17.52
C GLU B 296 13.34 -15.81 -18.93
N MET B 297 14.04 -16.93 -19.03
CA MET B 297 14.55 -17.43 -20.30
C MET B 297 13.52 -18.41 -20.81
N ASP B 298 12.64 -17.95 -21.70
CA ASP B 298 11.65 -18.82 -22.33
C ASP B 298 12.31 -19.76 -23.33
N PRO B 299 12.28 -21.08 -23.10
CA PRO B 299 13.03 -22.00 -23.97
C PRO B 299 12.40 -22.19 -25.34
N SER B 300 11.13 -21.81 -25.54
CA SER B 300 10.55 -21.78 -26.88
C SER B 300 11.22 -20.73 -27.76
N SER B 301 11.27 -19.49 -27.29
CA SER B 301 11.84 -18.37 -28.03
C SER B 301 13.35 -18.19 -27.86
N LYS B 302 14.02 -19.03 -27.07
CA LYS B 302 15.47 -18.91 -26.89
C LYS B 302 16.24 -18.82 -28.22
N SER B 303 15.83 -19.59 -29.24
CA SER B 303 16.53 -19.51 -30.54
C SER B 303 16.21 -18.23 -31.33
N LEU B 304 15.21 -17.47 -30.93
CA LEU B 304 14.90 -16.22 -31.61
C LEU B 304 15.83 -15.09 -31.16
N LEU B 305 16.44 -15.25 -29.97
CA LEU B 305 17.24 -14.21 -29.36
C LEU B 305 18.52 -13.96 -30.14
N PRO B 306 19.10 -12.78 -30.00
CA PRO B 306 20.48 -12.59 -30.40
C PRO B 306 21.40 -12.84 -29.22
N PRO B 307 22.67 -13.19 -29.47
CA PRO B 307 23.55 -13.59 -28.35
C PRO B 307 23.88 -12.45 -27.39
N THR B 308 23.65 -11.18 -27.78
CA THR B 308 23.83 -10.07 -26.86
C THR B 308 22.68 -9.91 -25.87
N ASP B 309 21.69 -10.80 -25.85
CA ASP B 309 20.55 -10.57 -24.98
C ASP B 309 20.90 -10.84 -23.52
N THR B 310 20.41 -9.96 -22.66
CA THR B 310 20.74 -10.06 -21.23
C THR B 310 20.38 -11.42 -20.65
N ARG B 311 19.43 -12.16 -21.23
CA ARG B 311 19.14 -13.44 -20.60
C ARG B 311 20.31 -14.41 -20.69
N PHE B 312 21.31 -14.15 -21.53
CA PHE B 312 22.49 -15.01 -21.59
C PHE B 312 23.61 -14.53 -20.67
N ARG B 313 23.44 -13.39 -20.01
CA ARG B 313 24.51 -12.84 -19.18
C ARG B 313 24.67 -13.69 -17.91
N PRO B 314 25.83 -14.32 -17.68
CA PRO B 314 25.91 -15.37 -16.65
C PRO B 314 25.88 -14.82 -15.25
N ASP B 315 26.57 -13.71 -14.98
CA ASP B 315 26.64 -13.22 -13.60
C ASP B 315 25.26 -12.90 -13.06
N GLN B 316 24.41 -12.30 -13.90
CA GLN B 316 23.05 -12.00 -13.47
C GLN B 316 22.24 -13.29 -13.25
N ARG B 317 22.50 -14.33 -14.05
CA ARG B 317 21.80 -15.59 -13.85
C ARG B 317 22.26 -16.28 -12.57
N PHE B 318 23.55 -16.26 -12.27
CA PHE B 318 24.03 -16.82 -11.01
C PHE B 318 23.43 -16.08 -9.83
N LEU B 319 23.44 -14.75 -9.89
CA LEU B 319 22.80 -13.98 -8.83
C LEU B 319 21.34 -14.38 -8.64
N GLU B 320 20.63 -14.68 -9.74
CA GLU B 320 19.28 -15.21 -9.59
C GLU B 320 19.30 -16.48 -8.75
N GLU B 321 20.26 -17.33 -9.01
CA GLU B 321 20.32 -18.64 -8.39
C GLU B 321 20.98 -18.61 -7.03
N GLY B 322 21.23 -17.41 -6.49
CA GLY B 322 21.83 -17.28 -5.17
C GLY B 322 23.27 -17.69 -5.07
N ASN B 323 23.92 -18.00 -6.19
CA ASN B 323 25.33 -18.37 -6.20
C ASN B 323 26.14 -17.09 -6.27
N LEU B 324 26.37 -16.48 -5.11
CA LEU B 324 27.00 -15.17 -5.02
C LEU B 324 28.44 -15.18 -5.50
N GLU B 325 29.20 -16.21 -5.12
CA GLU B 325 30.63 -16.20 -5.42
C GLU B 325 30.86 -16.36 -6.91
N GLU B 326 30.13 -17.31 -7.52
CA GLU B 326 30.21 -17.51 -8.95
C GLU B 326 29.80 -16.24 -9.68
N ALA B 327 28.80 -15.54 -9.14
CA ALA B 327 28.34 -14.30 -9.78
C ALA B 327 29.43 -13.27 -9.76
N GLU B 328 30.10 -13.12 -8.62
CA GLU B 328 31.18 -12.13 -8.53
C GLU B 328 32.25 -12.41 -9.57
N ILE B 329 32.68 -13.67 -9.63
CA ILE B 329 33.69 -14.06 -10.60
C ILE B 329 33.23 -13.71 -12.02
N GLN B 330 32.00 -14.10 -12.36
CA GLN B 330 31.46 -13.88 -13.71
C GLN B 330 31.39 -12.40 -14.05
N LYS B 331 31.00 -11.57 -13.07
CA LYS B 331 30.90 -10.15 -13.31
C LYS B 331 32.28 -9.56 -13.60
N GLN B 332 33.27 -9.95 -12.81
CA GLN B 332 34.63 -9.43 -13.03
C GLN B 332 35.16 -9.87 -14.38
N ARG B 333 34.83 -11.09 -14.79
CA ARG B 333 35.23 -11.58 -16.11
C ARG B 333 34.58 -10.76 -17.22
N ILE B 334 33.28 -10.44 -17.06
CA ILE B 334 32.54 -9.65 -18.04
C ILE B 334 33.12 -8.23 -18.13
N GLU B 335 33.59 -7.70 -17.00
CA GLU B 335 34.18 -6.37 -17.02
C GLU B 335 35.56 -6.38 -17.67
N GLN B 336 36.33 -7.45 -17.42
CA GLN B 336 37.62 -7.58 -18.09
C GLN B 336 37.43 -7.66 -19.60
N LEU B 337 36.45 -8.47 -20.04
CA LEU B 337 36.14 -8.60 -21.47
C LEU B 337 35.79 -7.24 -22.08
N GLN B 338 34.94 -6.47 -21.39
CA GLN B 338 34.56 -5.17 -21.94
C GLN B 338 35.76 -4.23 -22.05
N ARG B 339 36.64 -4.23 -21.05
CA ARG B 339 37.80 -3.35 -21.16
C ARG B 339 38.68 -3.77 -22.32
N GLU B 340 38.87 -5.09 -22.49
CA GLU B 340 39.75 -5.55 -23.56
C GLU B 340 39.18 -5.18 -24.92
N ARG B 341 37.87 -5.34 -25.10
CA ARG B 341 37.27 -4.96 -26.38
C ARG B 341 37.45 -3.47 -26.64
N ARG B 342 37.18 -2.65 -25.61
CA ARG B 342 37.36 -1.22 -25.74
C ARG B 342 38.78 -0.87 -26.14
N ARG B 343 39.76 -1.51 -25.51
CA ARG B 343 41.16 -1.21 -25.77
C ARG B 343 41.58 -1.60 -27.20
N VAL B 344 41.15 -2.78 -27.67
CA VAL B 344 41.40 -3.15 -29.05
C VAL B 344 40.86 -2.08 -30.00
N LEU B 345 39.59 -1.68 -29.79
CA LEU B 345 39.04 -0.67 -30.69
C LEU B 345 39.79 0.64 -30.59
N GLU B 346 40.26 0.96 -29.38
CA GLU B 346 40.96 2.21 -29.15
C GLU B 346 42.26 2.23 -29.96
N GLU B 347 42.99 1.13 -29.90
CA GLU B 347 44.23 1.00 -30.65
C GLU B 347 44.00 1.04 -32.14
N ASN B 348 42.93 0.42 -32.63
CA ASN B 348 42.68 0.41 -34.06
C ASN B 348 41.84 1.58 -34.54
N HIS B 349 41.62 2.59 -33.69
CA HIS B 349 41.02 3.86 -34.11
C HIS B 349 39.62 3.68 -34.69
N VAL B 350 38.85 2.77 -34.08
CA VAL B 350 37.52 2.42 -34.51
C VAL B 350 36.56 2.87 -33.43
N GLU B 351 35.47 3.49 -33.85
CA GLU B 351 34.46 3.89 -32.90
C GLU B 351 33.40 2.80 -32.84
N HIS B 352 32.94 2.47 -31.63
CA HIS B 352 31.98 1.39 -31.49
C HIS B 352 30.70 1.79 -32.17
N GLN B 353 30.01 0.83 -32.81
CA GLN B 353 28.88 1.18 -33.65
C GLN B 353 27.69 0.28 -33.29
N PRO B 354 26.66 0.80 -32.63
CA PRO B 354 25.52 -0.05 -32.23
C PRO B 354 24.83 -0.66 -33.42
N ARG B 355 24.26 -1.86 -33.22
CA ARG B 355 23.57 -2.61 -34.30
C ARG B 355 22.17 -2.05 -34.60
N PHE B 356 21.42 -1.63 -33.59
CA PHE B 356 20.00 -1.43 -33.75
C PHE B 356 19.57 -0.01 -33.43
N PHE B 357 20.51 0.86 -33.12
CA PHE B 357 20.16 2.24 -32.87
C PHE B 357 21.19 3.10 -33.56
N ARG B 358 20.77 4.32 -33.87
CA ARG B 358 21.61 5.30 -34.57
C ARG B 358 21.37 6.65 -33.93
N LYS B 359 22.35 7.55 -34.11
CA LYS B 359 22.30 8.87 -33.53
C LYS B 359 21.58 9.83 -34.47
N SER B 360 20.54 10.47 -33.97
CA SER B 360 19.82 11.55 -34.63
C SER B 360 19.54 12.58 -33.54
N ASP B 361 19.19 13.81 -33.88
CA ASP B 361 19.96 14.93 -33.34
C ASP B 361 20.95 14.66 -32.21
N GLY B 362 20.51 14.45 -30.99
CA GLY B 362 21.49 14.11 -29.94
C GLY B 362 21.06 12.85 -29.20
N SER B 363 19.98 12.29 -29.69
CA SER B 363 19.30 11.13 -29.16
C SER B 363 19.68 9.89 -29.95
N TRP B 364 19.49 8.76 -29.31
CA TRP B 364 19.61 7.47 -29.97
C TRP B 364 18.22 6.94 -30.28
N VAL B 365 17.98 6.60 -31.55
CA VAL B 365 16.67 6.12 -31.96
C VAL B 365 16.84 4.79 -32.70
N SER B 366 15.75 4.05 -32.76
CA SER B 366 15.73 2.80 -33.49
C SER B 366 16.09 3.02 -34.96
N ASN B 367 16.79 2.04 -35.55
CA ASN B 367 17.17 2.11 -36.96
C ASN B 367 16.33 1.17 -37.82
N GLY B 368 15.21 0.68 -37.30
CA GLY B 368 14.29 -0.11 -38.07
C GLY B 368 14.72 -1.52 -38.40
N THR B 369 15.70 -2.08 -37.68
CA THR B 369 16.18 -3.41 -38.04
C THR B 369 15.90 -4.51 -37.03
N TYR B 370 15.78 -4.23 -35.73
CA TYR B 370 15.77 -5.30 -34.73
C TYR B 370 14.63 -6.28 -34.97
N LEU B 371 13.39 -5.77 -35.05
CA LEU B 371 12.24 -6.66 -35.18
C LEU B 371 12.21 -7.38 -36.53
N GLU B 372 12.68 -6.71 -37.60
CA GLU B 372 12.70 -7.33 -38.93
C GLU B 372 13.67 -8.50 -38.96
N LEU B 373 14.90 -8.26 -38.53
CA LEU B 373 15.88 -9.33 -38.45
C LEU B 373 15.41 -10.45 -37.55
N ARG B 374 14.78 -10.11 -36.43
CA ARG B 374 14.29 -11.15 -35.52
C ARG B 374 13.26 -12.02 -36.22
N LYS B 375 12.32 -11.39 -36.94
CA LYS B 375 11.26 -12.14 -37.61
C LYS B 375 11.83 -13.04 -38.70
N ASP B 376 12.84 -12.55 -39.42
CA ASP B 376 13.53 -13.26 -40.50
C ASP B 376 14.67 -14.13 -40.01
N LEU B 377 14.72 -14.44 -38.72
CA LEU B 377 15.69 -15.38 -38.16
C LEU B 377 17.11 -14.99 -38.49
N GLY B 378 17.32 -13.74 -38.84
CA GLY B 378 18.57 -13.26 -39.41
C GLY B 378 19.54 -12.61 -38.45
N PHE B 379 19.34 -12.74 -37.14
CA PHE B 379 20.41 -12.33 -36.24
C PHE B 379 21.66 -13.12 -36.59
N SER B 380 21.46 -14.37 -37.01
CA SER B 380 22.58 -15.23 -37.39
C SER B 380 23.13 -14.80 -38.74
N LYS B 381 23.24 -13.47 -38.92
CA LYS B 381 23.91 -12.91 -40.09
C LYS B 381 24.50 -11.53 -39.81
N LEU B 382 24.65 -11.15 -38.55
CA LEU B 382 25.35 -9.94 -38.15
C LEU B 382 26.62 -10.30 -37.38
N ASP B 383 27.57 -9.36 -37.38
CA ASP B 383 28.75 -9.40 -36.51
C ASP B 383 28.34 -8.96 -35.12
N HIS B 384 28.19 -9.90 -34.21
CA HIS B 384 27.77 -9.56 -32.85
C HIS B 384 28.98 -9.49 -31.95
N PRO B 385 29.13 -8.44 -31.13
CA PRO B 385 30.19 -8.47 -30.13
C PRO B 385 29.94 -9.64 -29.21
N VAL B 386 31.02 -10.32 -28.79
CA VAL B 386 30.89 -11.39 -27.82
C VAL B 386 31.13 -10.75 -26.46
N LEU B 387 30.06 -10.63 -25.70
CA LEU B 387 30.10 -9.92 -24.44
C LEU B 387 30.42 -10.82 -23.24
N TRP B 388 30.46 -12.14 -23.46
CA TRP B 388 30.72 -13.08 -22.40
C TRP B 388 30.86 -14.46 -23.03
#